data_6P3W
#
_entry.id   6P3W
#
_cell.length_a   186.396
_cell.length_b   186.396
_cell.length_c   214.707
_cell.angle_alpha   90.00
_cell.angle_beta   90.00
_cell.angle_gamma   120.00
#
_symmetry.space_group_name_H-M   'P 62 2 2'
#
loop_
_entity.id
_entity.type
_entity.pdbx_description
1 polymer 'Cyclin-dependent kinase 2'
2 polymer Cyclin-A2
3 polymer 'ORC1 Peptide'
4 non-polymer 'PHOSPHATE ION'
5 water water
#
loop_
_entity_poly.entity_id
_entity_poly.type
_entity_poly.pdbx_seq_one_letter_code
_entity_poly.pdbx_strand_id
1 'polypeptide(L)'
;MENFQKVEKIGEGTYGVVYKARNKLTGEVVALKKIRLDTETEGVPSTAIREISLLKELNHPNIVKLLDVIHTENKLYLVF
EFLHQDLKKFMDASALTGIPLPLIKSYLFQLLQGLAFCHSHRVLHRDLKPQNLLINTEGAIKLADFGLARAFGVPVRTYT
HEVVTLWYRAPEILLGCKYYSTAVDIWSLGCIFAEMVTRRALFPGDSEIDQLFRIFRTLGTPDEVVWPGVTSMPDYKPSF
PKWARQDFSKVVPPLDEDGRSLLSQMLHYDPNKRISAKAALAHPFFQDVTKPVPHLRL
;
A,C
2 'polypeptide(L)'
;PDYHEDIHTYLREMEVKCKPKVGYMKKQPDITNSMRAILVDWLVEVGEEYKLQNETLHLAVNYIDRFLSSMSVLRGKLQL
VGTAAMLLASKFEEIYPPEVAEFVYITDDTYTKKQVLRMEHLVLKVLTFDLAAPTVNQFLTQYFLHQQPANCKVESLAMF
LGELSLIDADPYLKYLPSVIAGAAFHLALYTVTGQSWPESLIRKTGYTLESLKPCLMDLHQTYLKAPQHAQQSIREKYKN
SKYHGVSLLNPPETLNL
;
B,D
3 'polypeptide(L)' ARKRLEL E,F
#
# COMPACT_ATOMS: atom_id res chain seq x y z
N MET A 1 -5.75 19.65 -8.64
N MET A 1 -7.44 18.26 -9.59
CA MET A 1 -7.03 19.61 -9.33
CA MET A 1 -6.98 19.55 -9.10
C MET A 1 -8.10 20.40 -8.59
C MET A 1 -8.10 20.34 -8.44
N GLU A 2 -9.32 19.87 -8.60
CA GLU A 2 -10.50 20.57 -8.09
C GLU A 2 -10.51 20.78 -6.57
N ASN A 3 -9.78 19.95 -5.83
CA ASN A 3 -9.79 20.04 -4.37
C ASN A 3 -8.89 21.13 -3.80
N PHE A 4 -8.05 21.71 -4.65
CA PHE A 4 -7.10 22.72 -4.19
C PHE A 4 -7.44 24.11 -4.70
N GLN A 5 -7.34 25.09 -3.80
CA GLN A 5 -7.51 26.49 -4.14
C GLN A 5 -6.19 27.23 -4.01
N LYS A 6 -5.74 27.85 -5.09
CA LYS A 6 -4.48 28.55 -5.09
C LYS A 6 -4.59 29.88 -4.34
N VAL A 7 -3.67 30.09 -3.40
CA VAL A 7 -3.67 31.29 -2.57
C VAL A 7 -2.81 32.40 -3.19
N GLU A 8 -1.55 32.08 -3.44
CA GLU A 8 -0.61 33.04 -4.01
C GLU A 8 0.62 32.34 -4.57
N LYS A 9 1.24 32.95 -5.58
CA LYS A 9 2.51 32.45 -6.10
C LYS A 9 3.59 32.64 -5.05
N ILE A 10 4.30 31.56 -4.75
CA ILE A 10 5.27 31.58 -3.65
C ILE A 10 6.71 31.48 -4.18
N GLY A 11 6.88 30.90 -5.37
CA GLY A 11 8.22 30.79 -5.94
C GLY A 11 8.32 30.20 -7.34
N GLU A 12 9.56 30.09 -7.81
CA GLU A 12 9.88 29.51 -9.10
C GLU A 12 11.03 28.51 -8.95
N GLY A 13 10.86 27.31 -9.49
CA GLY A 13 11.87 26.29 -9.36
C GLY A 13 11.75 25.09 -10.28
N THR A 14 12.88 24.68 -10.85
CA THR A 14 12.99 23.49 -11.68
C THR A 14 11.96 23.47 -12.81
N TYR A 15 11.92 24.55 -13.58
CA TYR A 15 10.99 24.69 -14.70
C TYR A 15 9.54 24.44 -14.25
N GLY A 16 9.09 25.23 -13.28
CA GLY A 16 7.74 25.09 -12.76
C GLY A 16 7.43 26.14 -11.71
N VAL A 17 6.19 26.62 -11.72
CA VAL A 17 5.76 27.60 -10.73
C VAL A 17 5.40 26.89 -9.43
N VAL A 18 5.61 27.59 -8.31
CA VAL A 18 5.20 27.07 -7.02
C VAL A 18 4.11 27.96 -6.44
N TYR A 19 3.02 27.35 -6.01
CA TYR A 19 1.91 28.10 -5.43
C TYR A 19 1.63 27.67 -4.00
N LYS A 20 1.29 28.64 -3.15
CA LYS A 20 0.69 28.33 -1.87
C LYS A 20 -0.77 28.01 -2.12
N ALA A 21 -1.22 26.86 -1.64
CA ALA A 21 -2.59 26.43 -1.88
C ALA A 21 -3.25 25.93 -0.61
N ARG A 22 -4.58 25.83 -0.64
CA ARG A 22 -5.33 25.33 0.50
C ARG A 22 -6.31 24.25 0.06
N ASN A 23 -6.30 23.12 0.77
CA ASN A 23 -7.26 22.04 0.51
C ASN A 23 -8.66 22.51 0.90
N LYS A 24 -9.60 22.44 -0.04
CA LYS A 24 -10.94 22.96 0.19
C LYS A 24 -11.82 22.01 0.99
N LEU A 25 -11.38 20.77 1.15
CA LEU A 25 -12.13 19.79 1.91
C LEU A 25 -11.67 19.69 3.36
N THR A 26 -10.37 19.82 3.57
CA THR A 26 -9.79 19.61 4.89
C THR A 26 -9.26 20.91 5.51
N GLY A 27 -9.04 21.91 4.67
CA GLY A 27 -8.51 23.18 5.13
C GLY A 27 -6.99 23.20 5.21
N GLU A 28 -6.37 22.10 4.80
CA GLU A 28 -4.91 21.99 4.86
C GLU A 28 -4.22 22.97 3.93
N VAL A 29 -3.22 23.67 4.44
CA VAL A 29 -2.42 24.59 3.64
C VAL A 29 -1.17 23.87 3.14
N VAL A 30 -0.96 23.90 1.83
CA VAL A 30 0.13 23.17 1.21
C VAL A 30 0.93 24.01 0.21
N ALA A 31 2.05 23.46 -0.23
CA ALA A 31 2.82 24.04 -1.32
C ALA A 31 2.64 23.20 -2.57
N LEU A 32 2.10 23.81 -3.62
CA LEU A 32 1.87 23.11 -4.88
C LEU A 32 3.02 23.35 -5.86
N LYS A 33 3.66 22.27 -6.28
CA LYS A 33 4.75 22.35 -7.26
C LYS A 33 4.31 21.70 -8.57
N LYS A 34 4.18 22.52 -9.61
CA LYS A 34 3.66 22.05 -10.88
C LYS A 34 4.77 21.75 -11.89
N ILE A 35 4.65 20.62 -12.56
CA ILE A 35 5.57 20.24 -13.63
C ILE A 35 4.81 20.08 -14.94
N ARG A 36 5.02 21.01 -15.86
CA ARG A 36 4.44 20.88 -17.20
C ARG A 36 5.16 19.77 -17.96
N LEU A 37 4.42 18.73 -18.31
CA LEU A 37 5.01 17.57 -18.97
C LEU A 37 5.45 17.84 -20.43
N ASP A 38 4.68 18.63 -21.18
CA ASP A 38 4.96 18.90 -22.58
C ASP A 38 5.77 20.22 -22.83
N THR A 39 7.07 20.26 -22.52
CA THR A 39 7.96 21.26 -23.12
C THR A 39 9.33 20.70 -23.55
N GLU A 40 9.60 19.45 -23.14
CA GLU A 40 10.79 18.76 -23.58
C GLU A 40 10.39 17.45 -24.25
N THR A 41 9.09 17.16 -24.21
CA THR A 41 8.47 15.93 -24.70
C THR A 41 9.35 14.69 -24.52
N GLU A 42 9.88 14.51 -23.32
CA GLU A 42 10.70 13.35 -22.97
C GLU A 42 10.12 12.66 -21.73
N GLY A 43 8.82 12.81 -21.52
CA GLY A 43 8.16 12.20 -20.39
C GLY A 43 8.42 12.94 -19.09
N VAL A 44 8.41 12.21 -17.98
CA VAL A 44 8.66 12.80 -16.67
C VAL A 44 10.14 13.16 -16.54
N PRO A 45 10.42 14.43 -16.15
CA PRO A 45 11.79 14.89 -15.94
C PRO A 45 12.55 14.03 -14.93
N SER A 46 13.83 13.81 -15.18
CA SER A 46 14.65 12.96 -14.31
C SER A 46 14.79 13.56 -12.91
N THR A 47 14.81 14.89 -12.84
CA THR A 47 14.89 15.58 -11.56
C THR A 47 13.62 15.32 -10.73
N ALA A 48 12.51 15.13 -11.42
CA ALA A 48 11.24 14.82 -10.74
C ALA A 48 11.20 13.35 -10.34
N ILE A 49 11.81 12.49 -11.16
CA ILE A 49 11.89 11.08 -10.85
C ILE A 49 12.66 10.87 -9.54
N ARG A 50 13.80 11.53 -9.43
CA ARG A 50 14.64 11.41 -8.24
C ARG A 50 14.01 12.06 -7.03
N GLU A 51 13.46 13.26 -7.22
CA GLU A 51 12.89 14.01 -6.10
C GLU A 51 11.74 13.26 -5.44
N ILE A 52 10.83 12.72 -6.25
CA ILE A 52 9.68 12.01 -5.70
C ILE A 52 10.09 10.69 -5.05
N SER A 53 10.82 9.87 -5.79
CA SER A 53 11.19 8.53 -5.31
C SER A 53 12.06 8.56 -4.04
N LEU A 54 12.91 9.57 -3.92
CA LEU A 54 13.81 9.66 -2.77
C LEU A 54 13.15 10.31 -1.56
N LEU A 55 12.40 11.39 -1.81
CA LEU A 55 11.77 12.14 -0.71
C LEU A 55 10.63 11.35 -0.07
N LYS A 56 10.09 10.40 -0.82
CA LYS A 56 9.04 9.51 -0.30
C LYS A 56 9.52 8.76 0.93
N GLU A 57 10.80 8.39 0.92
CA GLU A 57 11.38 7.55 1.97
C GLU A 57 11.96 8.37 3.10
N LEU A 58 11.89 9.70 2.99
CA LEU A 58 12.48 10.57 3.98
C LEU A 58 11.43 11.28 4.84
N ASN A 59 10.91 10.56 5.84
CA ASN A 59 9.99 11.15 6.79
C ASN A 59 10.71 11.50 8.08
N HIS A 60 10.93 12.80 8.29
CA HIS A 60 11.71 13.28 9.42
C HIS A 60 11.23 14.69 9.76
N PRO A 61 11.24 15.06 11.06
CA PRO A 61 10.80 16.39 11.49
C PRO A 61 11.53 17.54 10.81
N ASN A 62 12.76 17.32 10.38
CA ASN A 62 13.56 18.40 9.79
C ASN A 62 13.72 18.24 8.27
N ILE A 63 12.81 17.50 7.66
CA ILE A 63 12.74 17.41 6.21
C ILE A 63 11.32 17.74 5.76
N VAL A 64 11.20 18.67 4.81
CA VAL A 64 9.89 19.06 4.30
C VAL A 64 9.16 17.86 3.71
N LYS A 65 7.96 17.60 4.21
CA LYS A 65 7.24 16.37 3.89
C LYS A 65 6.56 16.44 2.53
N LEU A 66 6.77 15.41 1.72
CA LEU A 66 6.03 15.24 0.48
C LEU A 66 4.68 14.57 0.79
N LEU A 67 3.61 15.35 0.68
CA LEU A 67 2.29 14.88 1.11
C LEU A 67 1.60 14.01 0.06
N ASP A 68 1.74 14.38 -1.21
CA ASP A 68 1.03 13.68 -2.27
C ASP A 68 1.62 14.00 -3.64
N VAL A 69 1.49 13.05 -4.56
CA VAL A 69 1.89 13.27 -5.95
C VAL A 69 0.71 12.96 -6.86
N ILE A 70 0.33 13.95 -7.67
CA ILE A 70 -0.81 13.79 -8.57
C ILE A 70 -0.33 13.77 -10.01
N HIS A 71 -0.50 12.62 -10.66
CA HIS A 71 0.06 12.38 -11.98
C HIS A 71 -1.03 12.21 -13.04
N THR A 72 -1.36 13.28 -13.73
CA THR A 72 -2.33 13.20 -14.82
C THR A 72 -1.60 13.01 -16.15
N GLU A 73 -2.33 13.17 -17.25
CA GLU A 73 -1.80 12.90 -18.59
C GLU A 73 -0.83 13.99 -19.06
N ASN A 74 -1.15 15.24 -18.76
CA ASN A 74 -0.36 16.37 -19.27
C ASN A 74 0.30 17.22 -18.18
N LYS A 75 0.05 16.88 -16.93
CA LYS A 75 0.66 17.62 -15.81
C LYS A 75 1.14 16.67 -14.71
N LEU A 76 1.95 17.21 -13.80
CA LEU A 76 2.53 16.42 -12.71
C LEU A 76 2.72 17.30 -11.48
N TYR A 77 1.89 17.11 -10.47
CA TYR A 77 1.90 17.95 -9.29
C TYR A 77 2.59 17.29 -8.10
N LEU A 78 3.35 18.08 -7.35
CA LEU A 78 3.92 17.63 -6.09
C LEU A 78 3.35 18.46 -4.95
N VAL A 79 2.78 17.79 -3.95
CA VAL A 79 2.17 18.48 -2.82
C VAL A 79 3.04 18.37 -1.58
N PHE A 80 3.58 19.50 -1.14
CA PHE A 80 4.43 19.57 0.04
C PHE A 80 3.71 20.23 1.20
N GLU A 81 4.18 19.99 2.41
CA GLU A 81 3.73 20.76 3.56
C GLU A 81 4.25 22.19 3.40
N PHE A 82 3.49 23.15 3.90
CA PHE A 82 3.85 24.56 3.72
C PHE A 82 4.60 25.13 4.92
N LEU A 83 5.70 25.82 4.64
CA LEU A 83 6.39 26.60 5.68
C LEU A 83 6.49 28.06 5.22
N HIS A 84 6.50 28.97 6.18
CA HIS A 84 6.33 30.40 5.89
C HIS A 84 7.41 31.01 5.02
N GLN A 85 8.67 30.85 5.40
CA GLN A 85 9.76 31.45 4.64
C GLN A 85 11.08 30.69 4.73
N ASP A 86 12.06 31.16 3.97
CA ASP A 86 13.37 30.55 3.90
C ASP A 86 14.35 31.22 4.87
N LEU A 87 15.48 30.56 5.10
CA LEU A 87 16.50 31.11 5.99
C LEU A 87 17.18 32.33 5.36
N LYS A 88 17.29 32.32 4.03
CA LYS A 88 17.89 33.44 3.33
C LYS A 88 17.10 34.73 3.54
N LYS A 89 15.78 34.62 3.46
CA LYS A 89 14.91 35.76 3.72
C LYS A 89 15.02 36.19 5.17
N PHE A 90 15.18 35.22 6.06
CA PHE A 90 15.31 35.48 7.49
C PHE A 90 16.63 36.17 7.82
N MET A 91 17.70 35.71 7.20
CA MET A 91 19.01 36.33 7.37
C MET A 91 18.98 37.81 7.02
N ASP A 92 18.39 38.11 5.87
CA ASP A 92 18.25 39.48 5.40
C ASP A 92 17.48 40.33 6.41
N ALA A 93 16.40 39.78 6.94
CA ALA A 93 15.54 40.49 7.88
C ALA A 93 16.26 40.83 9.17
N SER A 94 17.18 39.96 9.58
CA SER A 94 17.90 40.12 10.83
C SER A 94 19.25 40.78 10.64
N ALA A 95 19.47 41.39 9.48
CA ALA A 95 20.76 41.98 9.15
C ALA A 95 21.20 43.04 10.16
N LEU A 96 20.24 43.77 10.71
CA LEU A 96 20.55 44.82 11.68
C LEU A 96 20.67 44.27 13.10
N THR A 97 19.76 43.38 13.47
CA THR A 97 19.75 42.82 14.81
C THR A 97 20.68 41.62 14.93
N GLY A 98 20.68 40.77 13.92
CA GLY A 98 21.44 39.54 13.96
C GLY A 98 20.60 38.40 14.50
N ILE A 99 20.89 37.19 14.04
CA ILE A 99 20.26 36.00 14.61
C ILE A 99 20.96 35.63 15.90
N PRO A 100 20.24 35.63 17.03
CA PRO A 100 20.84 35.30 18.32
C PRO A 100 21.46 33.92 18.32
N LEU A 101 22.61 33.79 18.99
CA LEU A 101 23.39 32.55 18.97
C LEU A 101 22.61 31.29 19.39
N PRO A 102 21.74 31.37 20.42
CA PRO A 102 20.97 30.16 20.73
C PRO A 102 20.07 29.68 19.59
N LEU A 103 19.55 30.61 18.80
CA LEU A 103 18.73 30.23 17.64
C LEU A 103 19.61 29.65 16.54
N ILE A 104 20.81 30.21 16.39
CA ILE A 104 21.78 29.70 15.43
C ILE A 104 22.16 28.26 15.77
N LYS A 105 22.42 28.02 17.05
CA LYS A 105 22.78 26.69 17.52
C LYS A 105 21.64 25.70 17.30
N SER A 106 20.41 26.17 17.51
CA SER A 106 19.23 25.33 17.32
C SER A 106 19.05 24.93 15.85
N TYR A 107 19.15 25.91 14.96
CA TYR A 107 19.01 25.68 13.53
C TYR A 107 20.06 24.69 13.02
N LEU A 108 21.32 24.94 13.36
CA LEU A 108 22.41 24.07 12.95
C LEU A 108 22.22 22.66 13.50
N PHE A 109 21.69 22.57 14.72
CA PHE A 109 21.41 21.28 15.35
C PHE A 109 20.36 20.51 14.56
N GLN A 110 19.25 21.18 14.24
CA GLN A 110 18.17 20.56 13.50
C GLN A 110 18.57 20.21 12.07
N LEU A 111 19.32 21.11 11.44
CA LEU A 111 19.82 20.88 10.09
C LEU A 111 20.67 19.62 10.03
N LEU A 112 21.50 19.43 11.05
CA LEU A 112 22.36 18.26 11.13
C LEU A 112 21.55 16.99 11.38
N GLN A 113 20.45 17.11 12.11
CA GLN A 113 19.58 15.96 12.37
C GLN A 113 18.89 15.50 11.09
N GLY A 114 18.41 16.46 10.30
CA GLY A 114 17.77 16.16 9.04
C GLY A 114 18.77 15.60 8.05
N LEU A 115 19.99 16.13 8.07
CA LEU A 115 21.03 15.69 7.15
C LEU A 115 21.54 14.30 7.53
N ALA A 116 21.66 14.04 8.83
CA ALA A 116 22.10 12.74 9.29
C ALA A 116 21.10 11.67 8.89
N PHE A 117 19.82 12.01 8.95
CA PHE A 117 18.76 11.11 8.52
C PHE A 117 18.87 10.87 7.01
N CYS A 118 19.11 11.97 6.27
CA CYS A 118 19.31 11.89 4.83
C CYS A 118 20.44 10.92 4.46
N HIS A 119 21.60 11.10 5.09
CA HIS A 119 22.77 10.30 4.77
C HIS A 119 22.62 8.85 5.25
N SER A 120 21.99 8.67 6.41
CA SER A 120 21.74 7.32 6.93
C SER A 120 20.77 6.57 6.04
N HIS A 121 20.02 7.31 5.22
CA HIS A 121 19.09 6.71 4.29
C HIS A 121 19.56 6.85 2.84
N ARG A 122 20.88 6.92 2.65
CA ARG A 122 21.48 6.66 1.35
C ARG A 122 21.19 7.77 0.31
N VAL A 123 20.77 8.94 0.79
CA VAL A 123 20.49 10.06 -0.10
C VAL A 123 21.38 11.29 0.16
N LEU A 124 22.04 11.79 -0.89
CA LEU A 124 22.77 13.05 -0.85
C LEU A 124 21.88 14.20 -1.30
N HIS A 125 21.92 15.32 -0.60
CA HIS A 125 21.09 16.46 -0.96
C HIS A 125 21.72 17.28 -2.10
N ARG A 126 22.98 17.67 -1.90
CA ARG A 126 23.82 18.30 -2.92
C ARG A 126 23.41 19.72 -3.33
N ASP A 127 22.45 20.32 -2.63
CA ASP A 127 22.05 21.68 -2.95
C ASP A 127 21.69 22.48 -1.70
N LEU A 128 22.46 22.28 -0.65
CA LEU A 128 22.21 22.96 0.62
C LEU A 128 22.65 24.42 0.59
N LYS A 129 21.68 25.31 0.59
CA LYS A 129 21.90 26.75 0.65
C LYS A 129 20.73 27.38 1.41
N PRO A 130 20.94 28.57 2.00
CA PRO A 130 19.91 29.21 2.84
C PRO A 130 18.54 29.31 2.17
N GLN A 131 18.51 29.46 0.85
CA GLN A 131 17.27 29.57 0.09
C GLN A 131 16.48 28.26 0.11
N ASN A 132 17.17 27.14 0.31
CA ASN A 132 16.53 25.83 0.29
C ASN A 132 16.25 25.28 1.68
N LEU A 133 16.38 26.13 2.68
CA LEU A 133 16.06 25.74 4.06
C LEU A 133 14.87 26.55 4.55
N LEU A 134 13.81 25.86 4.97
CA LEU A 134 12.57 26.52 5.33
C LEU A 134 12.35 26.53 6.85
N ILE A 135 11.73 27.60 7.34
CA ILE A 135 11.49 27.77 8.77
C ILE A 135 10.05 28.17 9.07
N ASN A 136 9.61 27.90 10.30
CA ASN A 136 8.31 28.37 10.76
C ASN A 136 8.44 29.25 12.01
N THR A 137 7.31 29.61 12.58
CA THR A 137 7.29 30.53 13.72
C THR A 137 7.54 29.84 15.05
N GLU A 138 7.61 28.51 15.04
CA GLU A 138 7.76 27.74 16.26
C GLU A 138 9.21 27.37 16.57
N GLY A 139 10.11 27.69 15.64
CA GLY A 139 11.53 27.45 15.87
C GLY A 139 12.10 26.30 15.07
N ALA A 140 11.30 25.71 14.20
CA ALA A 140 11.75 24.58 13.39
C ALA A 140 12.43 25.06 12.11
N ILE A 141 13.35 24.24 11.60
CA ILE A 141 13.96 24.47 10.30
C ILE A 141 14.07 23.12 9.60
N LYS A 142 13.74 23.10 8.30
CA LYS A 142 13.69 21.84 7.55
C LYS A 142 14.41 21.95 6.21
N LEU A 143 14.96 20.82 5.76
CA LEU A 143 15.58 20.74 4.45
C LEU A 143 14.50 20.68 3.37
N ALA A 144 14.71 21.42 2.29
CA ALA A 144 13.76 21.42 1.18
C ALA A 144 14.49 21.42 -0.15
N ASP A 145 13.72 21.40 -1.24
CA ASP A 145 14.25 21.44 -2.60
C ASP A 145 15.24 20.30 -2.85
N PHE A 146 14.72 19.10 -3.06
CA PHE A 146 15.56 17.93 -3.31
C PHE A 146 15.70 17.67 -4.80
N GLY A 147 15.64 18.73 -5.60
CA GLY A 147 15.75 18.62 -7.04
C GLY A 147 17.09 18.14 -7.55
N LEU A 148 18.09 18.13 -6.69
CA LEU A 148 19.43 17.68 -7.08
C LEU A 148 19.85 16.45 -6.27
N ALA A 149 18.91 15.86 -5.55
CA ALA A 149 19.20 14.73 -4.68
C ALA A 149 19.60 13.48 -5.47
N ARG A 150 20.46 12.67 -4.87
CA ARG A 150 20.94 11.45 -5.51
C ARG A 150 21.11 10.33 -4.48
N ALA A 151 20.74 9.12 -4.87
CA ALA A 151 21.00 7.94 -4.03
C ALA A 151 22.43 7.47 -4.26
N PHE A 152 23.16 7.22 -3.16
CA PHE A 152 24.55 6.81 -3.31
C PHE A 152 24.82 5.42 -2.72
N GLY A 153 23.90 4.48 -2.98
CA GLY A 153 24.17 3.08 -2.72
C GLY A 153 25.29 2.64 -3.63
N VAL A 154 25.36 3.29 -4.79
CA VAL A 154 26.49 3.21 -5.70
C VAL A 154 26.99 4.64 -5.94
N PRO A 155 28.30 4.81 -6.22
CA PRO A 155 28.90 6.16 -6.28
C PRO A 155 28.20 7.13 -7.24
N VAL A 156 28.05 8.37 -6.78
CA VAL A 156 27.44 9.43 -7.59
C VAL A 156 28.52 10.24 -8.31
N ARG A 157 28.45 10.28 -9.64
CA ARG A 157 29.43 10.99 -10.44
C ARG A 157 29.17 12.49 -10.45
N THR A 158 30.24 13.27 -10.57
CA THR A 158 30.12 14.72 -10.61
C THR A 158 29.72 15.21 -12.00
N TYR A 159 28.73 16.10 -12.04
CA TYR A 159 28.24 16.67 -13.28
C TYR A 159 28.34 18.19 -13.19
N THR A 160 28.97 18.81 -14.18
CA THR A 160 29.18 20.25 -14.17
C THR A 160 27.88 21.03 -14.34
N HIS A 161 26.83 20.34 -14.81
CA HIS A 161 25.55 20.98 -15.04
C HIS A 161 24.58 20.79 -13.87
N GLU A 162 24.99 20.01 -12.88
CA GLU A 162 24.18 19.78 -11.69
C GLU A 162 25.02 19.92 -10.42
N VAL A 163 25.06 21.12 -9.88
CA VAL A 163 25.91 21.43 -8.74
C VAL A 163 25.32 22.59 -7.95
N VAL A 164 25.59 22.62 -6.64
CA VAL A 164 25.15 23.72 -5.80
C VAL A 164 25.80 25.02 -6.26
N THR A 165 25.17 26.15 -5.95
CA THR A 165 25.72 27.45 -6.32
C THR A 165 27.10 27.66 -5.71
N LEU A 166 27.90 28.52 -6.33
CA LEU A 166 29.31 28.66 -6.02
C LEU A 166 29.64 28.86 -4.54
N TRP A 167 28.92 29.76 -3.89
CA TRP A 167 29.22 30.16 -2.51
C TRP A 167 29.23 28.99 -1.52
N TYR A 168 28.52 27.92 -1.85
CA TYR A 168 28.41 26.80 -0.94
C TYR A 168 28.94 25.52 -1.57
N ARG A 169 29.83 25.67 -2.54
CA ARG A 169 30.41 24.53 -3.25
C ARG A 169 31.69 24.05 -2.58
N ALA A 170 31.79 22.75 -2.38
CA ALA A 170 32.93 22.14 -1.70
C ALA A 170 34.21 22.24 -2.52
N PRO A 171 35.37 22.31 -1.85
CA PRO A 171 36.67 22.44 -2.52
C PRO A 171 36.95 21.31 -3.50
N GLU A 172 36.55 20.09 -3.16
CA GLU A 172 36.80 18.93 -4.00
C GLU A 172 36.07 19.04 -5.34
N ILE A 173 34.88 19.64 -5.32
CA ILE A 173 34.10 19.83 -6.53
C ILE A 173 34.78 20.82 -7.47
N LEU A 174 35.25 21.92 -6.89
CA LEU A 174 35.95 22.96 -7.65
C LEU A 174 37.25 22.42 -8.24
N LEU A 175 37.90 21.52 -7.51
CA LEU A 175 39.17 20.97 -7.95
C LEU A 175 38.97 19.80 -8.90
N GLY A 176 37.71 19.49 -9.19
CA GLY A 176 37.37 18.55 -10.24
C GLY A 176 37.40 17.08 -9.87
N CYS A 177 36.97 16.76 -8.64
CA CYS A 177 36.88 15.36 -8.21
C CYS A 177 35.85 14.62 -9.06
N LYS A 178 35.98 13.30 -9.11
CA LYS A 178 35.17 12.48 -10.00
C LYS A 178 33.83 12.08 -9.37
N TYR A 179 33.84 11.79 -8.08
CA TYR A 179 32.63 11.35 -7.39
C TYR A 179 32.25 12.26 -6.23
N TYR A 180 30.97 12.26 -5.88
CA TYR A 180 30.49 12.96 -4.69
C TYR A 180 30.67 12.09 -3.45
N SER A 181 30.71 12.75 -2.29
CA SER A 181 30.65 12.05 -1.02
C SER A 181 29.74 12.85 -0.09
N THR A 182 29.44 12.31 1.08
CA THR A 182 28.57 12.98 2.03
C THR A 182 29.17 14.30 2.53
N ALA A 183 30.49 14.43 2.43
CA ALA A 183 31.19 15.60 2.93
C ALA A 183 30.78 16.88 2.22
N VAL A 184 30.26 16.77 1.01
CA VAL A 184 29.86 17.95 0.25
C VAL A 184 28.68 18.66 0.91
N ASP A 185 27.84 17.91 1.61
CA ASP A 185 26.68 18.47 2.28
C ASP A 185 27.09 19.16 3.58
N ILE A 186 28.06 18.57 4.28
CA ILE A 186 28.57 19.12 5.52
C ILE A 186 29.27 20.46 5.29
N TRP A 187 30.03 20.54 4.21
CA TRP A 187 30.74 21.78 3.85
C TRP A 187 29.74 22.92 3.67
N SER A 188 28.62 22.64 3.03
CA SER A 188 27.59 23.63 2.81
C SER A 188 27.05 24.15 4.14
N LEU A 189 26.77 23.24 5.06
CA LEU A 189 26.28 23.61 6.38
C LEU A 189 27.31 24.46 7.14
N GLY A 190 28.58 24.18 6.91
CA GLY A 190 29.65 24.96 7.51
C GLY A 190 29.58 26.41 7.06
N CYS A 191 29.43 26.62 5.76
CA CYS A 191 29.33 27.96 5.20
C CYS A 191 28.09 28.68 5.70
N ILE A 192 27.00 27.92 5.86
CA ILE A 192 25.74 28.48 6.34
C ILE A 192 25.84 28.82 7.83
N PHE A 193 26.54 27.96 8.58
CA PHE A 193 26.80 28.20 9.99
C PHE A 193 27.53 29.53 10.16
N ALA A 194 28.62 29.72 9.41
CA ALA A 194 29.42 30.93 9.51
C ALA A 194 28.65 32.17 9.07
N GLU A 195 27.84 32.02 8.03
CA GLU A 195 27.07 33.14 7.50
C GLU A 195 26.03 33.63 8.51
N MET A 196 25.44 32.69 9.24
CA MET A 196 24.46 33.03 10.28
C MET A 196 25.10 33.86 11.38
N VAL A 197 26.37 33.60 11.66
CA VAL A 197 27.08 34.24 12.75
C VAL A 197 27.59 35.64 12.39
N THR A 198 28.19 35.77 11.22
CA THR A 198 28.85 37.01 10.82
C THR A 198 27.92 37.96 10.05
N ARG A 199 26.75 37.46 9.67
CA ARG A 199 25.80 38.19 8.82
C ARG A 199 26.37 38.45 7.42
N ARG A 200 27.46 37.76 7.10
CA ARG A 200 28.05 37.86 5.76
C ARG A 200 28.41 36.47 5.26
N ALA A 201 28.32 36.27 3.94
CA ALA A 201 28.68 35.00 3.32
C ALA A 201 30.17 34.73 3.52
N LEU A 202 30.50 33.49 3.85
CA LEU A 202 31.88 33.12 4.16
C LEU A 202 32.79 33.17 2.94
N PHE A 203 32.38 32.54 1.84
CA PHE A 203 33.16 32.54 0.61
C PHE A 203 32.33 33.01 -0.59
N PRO A 204 32.18 34.33 -0.75
CA PRO A 204 31.39 34.89 -1.85
C PRO A 204 32.22 35.10 -3.13
N GLY A 205 32.37 34.05 -3.93
CA GLY A 205 33.18 34.11 -5.13
C GLY A 205 32.44 34.54 -6.38
N ASP A 206 33.17 35.17 -7.31
CA ASP A 206 32.61 35.61 -8.58
C ASP A 206 32.68 34.51 -9.63
N SER A 207 33.66 33.62 -9.48
CA SER A 207 33.88 32.54 -10.43
C SER A 207 34.42 31.30 -9.73
N GLU A 208 34.63 30.24 -10.48
CA GLU A 208 35.18 29.02 -9.93
C GLU A 208 36.58 29.25 -9.34
N ILE A 209 37.43 29.96 -10.09
CA ILE A 209 38.78 30.23 -9.63
C ILE A 209 38.77 31.23 -8.47
N ASP A 210 37.86 32.20 -8.52
CA ASP A 210 37.76 33.19 -7.46
C ASP A 210 37.17 32.57 -6.20
N GLN A 211 36.30 31.58 -6.38
CA GLN A 211 35.73 30.85 -5.25
C GLN A 211 36.83 30.08 -4.53
N LEU A 212 37.66 29.39 -5.30
CA LEU A 212 38.78 28.64 -4.74
C LEU A 212 39.76 29.55 -3.98
N PHE A 213 40.13 30.66 -4.61
CA PHE A 213 41.11 31.57 -4.04
C PHE A 213 40.60 32.22 -2.75
N ARG A 214 39.29 32.42 -2.66
CA ARG A 214 38.70 32.98 -1.45
C ARG A 214 38.75 31.97 -0.31
N ILE A 215 38.59 30.69 -0.65
CA ILE A 215 38.69 29.63 0.33
C ILE A 215 40.15 29.46 0.77
N PHE A 216 41.06 29.55 -0.18
CA PHE A 216 42.48 29.41 0.11
C PHE A 216 42.98 30.54 1.02
N ARG A 217 42.48 31.75 0.80
CA ARG A 217 42.92 32.90 1.57
C ARG A 217 42.50 32.80 3.03
N THR A 218 41.45 32.04 3.30
CA THR A 218 40.95 31.88 4.66
C THR A 218 41.50 30.63 5.34
N LEU A 219 41.35 29.48 4.69
CA LEU A 219 41.72 28.20 5.28
C LEU A 219 43.13 27.76 4.92
N GLY A 220 43.80 28.52 4.05
CA GLY A 220 45.15 28.18 3.64
C GLY A 220 45.16 27.31 2.40
N THR A 221 46.15 27.51 1.54
CA THR A 221 46.30 26.67 0.36
C THR A 221 46.74 25.28 0.77
N PRO A 222 45.91 24.26 0.44
CA PRO A 222 46.18 22.89 0.89
C PRO A 222 47.36 22.25 0.19
N ASP A 223 48.14 21.46 0.94
CA ASP A 223 49.24 20.69 0.38
C ASP A 223 48.97 19.20 0.56
N GLU A 224 49.95 18.37 0.21
CA GLU A 224 49.80 16.93 0.31
C GLU A 224 49.69 16.46 1.75
N VAL A 225 50.27 17.24 2.67
CA VAL A 225 50.20 16.90 4.09
C VAL A 225 48.79 17.12 4.64
N VAL A 226 48.25 18.31 4.41
CA VAL A 226 46.91 18.65 4.87
C VAL A 226 45.86 17.77 4.21
N TRP A 227 45.99 17.60 2.90
CA TRP A 227 45.01 16.87 2.11
C TRP A 227 45.78 16.04 1.07
N PRO A 228 46.01 14.75 1.36
CA PRO A 228 46.77 13.94 0.40
C PRO A 228 46.04 13.78 -0.92
N GLY A 229 46.66 14.25 -2.00
CA GLY A 229 46.13 14.09 -3.34
C GLY A 229 45.73 15.35 -4.08
N VAL A 230 45.72 16.51 -3.42
CA VAL A 230 45.31 17.76 -4.08
C VAL A 230 46.11 18.05 -5.34
N THR A 231 47.42 17.91 -5.24
CA THR A 231 48.32 18.26 -6.33
C THR A 231 48.07 17.39 -7.56
N SER A 232 47.36 16.29 -7.37
CA SER A 232 47.07 15.38 -8.47
C SER A 232 45.66 15.54 -9.00
N MET A 233 44.83 16.28 -8.27
CA MET A 233 43.46 16.56 -8.69
C MET A 233 43.47 17.34 -10.00
N PRO A 234 42.46 17.10 -10.86
CA PRO A 234 42.42 17.64 -12.23
C PRO A 234 42.59 19.15 -12.33
N ASP A 235 41.74 19.91 -11.65
CA ASP A 235 41.74 21.35 -11.78
C ASP A 235 42.72 22.05 -10.84
N TYR A 236 43.55 21.27 -10.16
CA TYR A 236 44.63 21.83 -9.36
C TYR A 236 45.75 22.30 -10.28
N LYS A 237 46.35 23.43 -9.94
CA LYS A 237 47.50 23.94 -10.69
C LYS A 237 48.64 24.28 -9.73
N PRO A 238 49.87 23.92 -10.10
CA PRO A 238 51.06 24.25 -9.31
C PRO A 238 51.25 25.75 -9.15
N SER A 239 50.66 26.52 -10.06
CA SER A 239 50.76 27.97 -10.02
C SER A 239 49.76 28.58 -9.03
N PHE A 240 49.08 27.74 -8.25
CA PHE A 240 48.23 28.22 -7.17
C PHE A 240 49.08 28.96 -6.15
N PRO A 241 48.73 30.22 -5.87
CA PRO A 241 49.41 30.99 -4.82
C PRO A 241 49.31 30.30 -3.46
N LYS A 242 50.37 30.42 -2.67
CA LYS A 242 50.45 29.73 -1.38
C LYS A 242 50.03 30.63 -0.22
N TRP A 243 48.76 30.59 0.13
CA TRP A 243 48.24 31.39 1.24
C TRP A 243 48.31 30.66 2.57
N ALA A 244 48.34 31.42 3.66
CA ALA A 244 48.39 30.86 5.00
C ALA A 244 46.99 30.79 5.62
N ARG A 245 46.76 29.78 6.44
CA ARG A 245 45.49 29.62 7.13
C ARG A 245 45.31 30.70 8.19
N GLN A 246 44.12 31.30 8.23
CA GLN A 246 43.83 32.34 9.21
C GLN A 246 43.21 31.74 10.47
N ASP A 247 43.53 32.35 11.61
CA ASP A 247 42.98 31.92 12.88
C ASP A 247 41.47 32.20 12.90
N PHE A 248 40.70 31.25 13.41
CA PHE A 248 39.24 31.34 13.34
C PHE A 248 38.65 32.40 14.27
N SER A 249 39.45 32.89 15.20
CA SER A 249 39.00 33.94 16.10
C SER A 249 38.83 35.25 15.33
N LYS A 250 39.46 35.33 14.17
CA LYS A 250 39.35 36.50 13.31
C LYS A 250 38.30 36.28 12.22
N VAL A 251 37.97 35.02 11.96
CA VAL A 251 36.99 34.66 10.94
C VAL A 251 35.58 34.65 11.52
N VAL A 252 35.42 34.03 12.69
CA VAL A 252 34.14 34.03 13.39
C VAL A 252 34.30 34.45 14.86
N PRO A 253 34.62 35.74 15.09
CA PRO A 253 34.83 36.24 16.46
C PRO A 253 33.68 36.01 17.47
N PRO A 254 32.39 36.07 17.06
CA PRO A 254 31.39 35.84 18.10
C PRO A 254 31.29 34.40 18.60
N LEU A 255 32.08 33.49 18.03
CA LEU A 255 32.07 32.09 18.46
C LEU A 255 33.00 31.85 19.63
N ASP A 256 32.63 30.91 20.49
CA ASP A 256 33.51 30.47 21.56
C ASP A 256 34.38 29.33 21.03
N GLU A 257 35.08 28.63 21.92
CA GLU A 257 36.00 27.59 21.51
C GLU A 257 35.27 26.38 20.92
N ASP A 258 34.12 26.04 21.47
CA ASP A 258 33.34 24.90 20.99
C ASP A 258 32.83 25.12 19.57
N GLY A 259 32.29 26.31 19.32
CA GLY A 259 31.79 26.66 18.00
C GLY A 259 32.91 26.72 16.97
N ARG A 260 34.05 27.25 17.37
CA ARG A 260 35.21 27.35 16.49
C ARG A 260 35.71 25.95 16.10
N SER A 261 35.66 25.02 17.05
CA SER A 261 36.11 23.66 16.83
C SER A 261 35.25 22.95 15.79
N LEU A 262 33.94 23.05 15.95
CA LEU A 262 33.01 22.36 15.07
C LEU A 262 33.07 22.89 13.64
N LEU A 263 33.09 24.22 13.50
CA LEU A 263 33.17 24.85 12.19
C LEU A 263 34.44 24.44 11.46
N SER A 264 35.53 24.33 12.21
CA SER A 264 36.81 23.91 11.66
C SER A 264 36.75 22.50 11.11
N GLN A 265 36.04 21.62 11.81
CA GLN A 265 35.91 20.23 11.38
C GLN A 265 34.93 20.11 10.22
N MET A 266 34.02 21.06 10.10
CA MET A 266 33.04 21.06 9.02
C MET A 266 33.64 21.61 7.73
N LEU A 267 34.75 22.32 7.85
CA LEU A 267 35.43 22.88 6.67
C LEU A 267 36.79 22.25 6.45
N HIS A 268 36.96 21.02 6.94
CA HIS A 268 38.19 20.27 6.72
C HIS A 268 38.39 20.04 5.23
N TYR A 269 39.61 20.24 4.75
CA TYR A 269 39.91 20.13 3.33
C TYR A 269 39.70 18.71 2.80
N ASP A 270 40.43 17.76 3.37
CA ASP A 270 40.30 16.37 2.97
C ASP A 270 38.92 15.84 3.35
N PRO A 271 38.12 15.47 2.34
CA PRO A 271 36.74 15.01 2.54
C PRO A 271 36.62 13.81 3.48
N ASN A 272 37.64 12.96 3.51
CA ASN A 272 37.62 11.78 4.37
C ASN A 272 37.64 12.11 5.86
N LYS A 273 38.33 13.19 6.22
CA LYS A 273 38.41 13.57 7.63
C LYS A 273 37.50 14.74 7.98
N ARG A 274 36.68 15.17 7.03
CA ARG A 274 35.64 16.15 7.35
C ARG A 274 34.59 15.48 8.21
N ILE A 275 34.10 16.20 9.22
CA ILE A 275 33.20 15.60 10.20
C ILE A 275 31.88 15.17 9.56
N SER A 276 31.33 14.07 10.04
CA SER A 276 30.03 13.59 9.58
C SER A 276 28.92 14.28 10.34
N ALA A 277 27.71 14.27 9.76
CA ALA A 277 26.56 14.90 10.40
C ALA A 277 26.26 14.25 11.74
N LYS A 278 26.45 12.92 11.82
CA LYS A 278 26.26 12.20 13.06
C LYS A 278 27.25 12.61 14.12
N ALA A 279 28.53 12.66 13.75
CA ALA A 279 29.58 13.02 14.70
C ALA A 279 29.48 14.48 15.12
N ALA A 280 28.96 15.32 14.23
CA ALA A 280 28.77 16.73 14.52
C ALA A 280 27.71 16.94 15.60
N LEU A 281 26.69 16.08 15.58
CA LEU A 281 25.61 16.14 16.57
C LEU A 281 26.13 15.83 17.97
N ALA A 282 27.23 15.10 18.04
CA ALA A 282 27.82 14.69 19.31
C ALA A 282 28.84 15.71 19.82
N HIS A 283 29.08 16.75 19.05
CA HIS A 283 30.06 17.77 19.43
C HIS A 283 29.61 18.53 20.67
N PRO A 284 30.57 18.87 21.55
CA PRO A 284 30.32 19.63 22.78
C PRO A 284 29.62 20.97 22.55
N PHE A 285 29.54 21.42 21.30
CA PHE A 285 28.89 22.68 20.98
C PHE A 285 27.37 22.62 21.19
N PHE A 286 26.81 21.41 21.10
CA PHE A 286 25.37 21.24 21.19
C PHE A 286 24.91 20.70 22.54
N GLN A 287 25.77 20.75 23.55
CA GLN A 287 25.44 20.15 24.84
C GLN A 287 24.37 20.95 25.60
N ASP A 288 24.24 22.23 25.27
CA ASP A 288 23.29 23.10 25.96
C ASP A 288 22.24 23.65 25.01
N VAL A 289 22.00 22.93 23.91
CA VAL A 289 21.11 23.41 22.86
C VAL A 289 19.66 23.44 23.32
N THR A 290 18.95 24.48 22.90
CA THR A 290 17.52 24.61 23.18
C THR A 290 16.77 24.78 21.86
N LYS A 291 15.48 25.05 21.94
CA LYS A 291 14.70 25.35 20.74
C LYS A 291 14.06 26.73 20.83
N PRO A 292 14.87 27.78 20.62
CA PRO A 292 14.35 29.15 20.65
C PRO A 292 13.31 29.38 19.56
N VAL A 293 12.53 30.44 19.73
CA VAL A 293 11.48 30.77 18.78
C VAL A 293 11.82 32.09 18.07
N PRO A 294 11.83 32.07 16.73
CA PRO A 294 12.26 33.25 15.97
C PRO A 294 11.19 34.33 15.93
N HIS A 295 11.54 35.48 15.37
CA HIS A 295 10.57 36.50 15.04
C HIS A 295 10.58 36.73 13.54
N LEU A 296 9.43 36.53 12.91
CA LEU A 296 9.37 36.48 11.45
C LEU A 296 8.58 37.62 10.83
N ARG A 297 8.79 37.80 9.52
CA ARG A 297 8.07 38.77 8.71
C ARG A 297 8.25 40.19 9.28
N LEU A 298 9.50 40.63 9.33
CA LEU A 298 9.82 41.97 9.84
C LEU A 298 9.51 43.05 8.80
N PRO B 1 31.97 5.85 8.48
CA PRO B 1 31.87 5.12 9.75
C PRO B 1 30.52 4.40 9.93
N ASP B 2 29.63 5.00 10.71
CA ASP B 2 28.41 4.33 11.13
C ASP B 2 27.29 4.49 10.08
N TYR B 3 27.30 5.59 9.33
CA TYR B 3 26.29 5.81 8.29
C TYR B 3 26.41 4.75 7.18
N HIS B 4 27.53 4.04 7.13
CA HIS B 4 27.67 2.89 6.25
C HIS B 4 26.90 1.69 6.80
N GLU B 5 26.88 1.55 8.13
CA GLU B 5 26.11 0.49 8.77
C GLU B 5 24.62 0.78 8.63
N ASP B 6 24.25 2.04 8.84
CA ASP B 6 22.86 2.46 8.72
C ASP B 6 22.36 2.29 7.29
N ILE B 7 23.25 2.48 6.32
CA ILE B 7 22.89 2.28 4.92
C ILE B 7 22.68 0.80 4.63
N HIS B 8 23.61 -0.05 5.08
CA HIS B 8 23.47 -1.49 4.89
C HIS B 8 22.22 -2.01 5.58
N THR B 9 21.92 -1.43 6.74
CA THR B 9 20.72 -1.81 7.49
C THR B 9 19.47 -1.39 6.74
N TYR B 10 19.51 -0.19 6.17
CA TYR B 10 18.35 0.35 5.45
C TYR B 10 18.12 -0.39 4.13
N LEU B 11 19.20 -0.73 3.44
CA LEU B 11 19.09 -1.49 2.19
C LEU B 11 18.54 -2.89 2.46
N ARG B 12 18.96 -3.48 3.57
CA ARG B 12 18.45 -4.79 3.98
C ARG B 12 16.96 -4.73 4.28
N GLU B 13 16.52 -3.60 4.83
CA GLU B 13 15.12 -3.41 5.17
C GLU B 13 14.28 -3.13 3.93
N MET B 14 14.85 -2.38 2.99
CA MET B 14 14.13 -1.99 1.79
C MET B 14 14.10 -3.07 0.72
N GLU B 15 15.07 -3.98 0.75
CA GLU B 15 15.13 -5.06 -0.25
C GLU B 15 14.00 -6.07 -0.05
N VAL B 16 13.42 -6.08 1.16
CA VAL B 16 12.30 -6.96 1.45
C VAL B 16 11.00 -6.37 0.89
N LYS B 17 10.94 -5.04 0.86
CA LYS B 17 9.74 -4.34 0.40
C LYS B 17 9.64 -4.29 -1.12
N CYS B 18 10.79 -4.32 -1.79
CA CYS B 18 10.83 -4.17 -3.25
C CYS B 18 10.94 -5.53 -3.97
N LYS B 19 10.77 -6.61 -3.23
CA LYS B 19 10.85 -7.94 -3.82
C LYS B 19 9.56 -8.33 -4.51
N PRO B 20 9.66 -8.84 -5.75
CA PRO B 20 8.51 -9.27 -6.54
C PRO B 20 7.94 -10.61 -6.05
N LYS B 21 6.75 -10.95 -6.52
CA LYS B 21 6.17 -12.27 -6.22
C LYS B 21 6.98 -13.34 -6.92
N VAL B 22 7.54 -14.26 -6.14
CA VAL B 22 8.50 -15.24 -6.65
C VAL B 22 7.93 -16.12 -7.78
N GLY B 23 6.66 -16.48 -7.66
CA GLY B 23 6.04 -17.35 -8.65
C GLY B 23 5.06 -16.66 -9.57
N TYR B 24 5.33 -15.39 -9.89
CA TYR B 24 4.40 -14.60 -10.69
C TYR B 24 4.29 -15.10 -12.13
N MET B 25 5.35 -15.72 -12.62
CA MET B 25 5.42 -16.13 -14.02
C MET B 25 4.46 -17.28 -14.33
N LYS B 26 4.22 -18.13 -13.33
CA LYS B 26 3.28 -19.23 -13.48
C LYS B 26 1.87 -18.69 -13.71
N LYS B 27 1.62 -17.48 -13.23
CA LYS B 27 0.32 -16.84 -13.37
C LYS B 27 0.31 -15.86 -14.55
N GLN B 28 1.37 -15.90 -15.35
CA GLN B 28 1.45 -15.09 -16.56
C GLN B 28 1.03 -15.93 -17.77
N PRO B 29 -0.16 -15.62 -18.32
CA PRO B 29 -0.77 -16.43 -19.38
C PRO B 29 0.04 -16.51 -20.68
N ASP B 30 0.76 -15.45 -21.05
CA ASP B 30 1.36 -15.39 -22.36
C ASP B 30 2.89 -15.32 -22.38
N ILE B 31 3.51 -15.00 -21.25
CA ILE B 31 4.97 -14.90 -21.21
C ILE B 31 5.60 -15.98 -20.34
N THR B 32 6.80 -16.41 -20.73
CA THR B 32 7.53 -17.45 -19.99
C THR B 32 8.85 -16.90 -19.46
N ASN B 33 9.55 -17.72 -18.69
CA ASN B 33 10.86 -17.33 -18.14
C ASN B 33 11.90 -17.15 -19.24
N SER B 34 11.78 -17.94 -20.30
CA SER B 34 12.70 -17.85 -21.43
C SER B 34 12.58 -16.51 -22.12
N MET B 35 11.35 -16.02 -22.27
CA MET B 35 11.11 -14.71 -22.87
C MET B 35 11.67 -13.60 -21.99
N ARG B 36 11.59 -13.79 -20.68
CA ARG B 36 12.18 -12.85 -19.74
C ARG B 36 13.69 -12.83 -19.92
N ALA B 37 14.27 -14.02 -20.09
CA ALA B 37 15.71 -14.16 -20.30
C ALA B 37 16.14 -13.42 -21.56
N ILE B 38 15.34 -13.53 -22.61
CA ILE B 38 15.62 -12.86 -23.87
C ILE B 38 15.50 -11.35 -23.70
N LEU B 39 14.56 -10.91 -22.86
CA LEU B 39 14.36 -9.49 -22.62
C LEU B 39 15.55 -8.85 -21.91
N VAL B 40 15.93 -9.42 -20.76
CA VAL B 40 16.99 -8.86 -19.95
C VAL B 40 18.33 -8.93 -20.69
N ASP B 41 18.53 -9.98 -21.47
CA ASP B 41 19.75 -10.12 -22.26
C ASP B 41 19.83 -9.05 -23.34
N TRP B 42 18.67 -8.69 -23.89
CA TRP B 42 18.59 -7.59 -24.84
C TRP B 42 18.94 -6.28 -24.15
N LEU B 43 18.47 -6.14 -22.92
CA LEU B 43 18.74 -4.95 -22.13
C LEU B 43 20.21 -4.84 -21.75
N VAL B 44 20.89 -5.97 -21.67
CA VAL B 44 22.33 -5.98 -21.39
C VAL B 44 23.07 -5.31 -22.53
N GLU B 45 22.60 -5.52 -23.75
CA GLU B 45 23.26 -4.97 -24.92
C GLU B 45 22.88 -3.51 -25.19
N VAL B 46 21.68 -3.09 -24.78
CA VAL B 46 21.30 -1.70 -24.96
C VAL B 46 22.08 -0.83 -23.97
N GLY B 47 22.36 -1.37 -22.80
CA GLY B 47 23.15 -0.67 -21.81
C GLY B 47 24.60 -0.63 -22.26
N GLU B 48 25.00 -1.65 -23.01
CA GLU B 48 26.35 -1.71 -23.55
C GLU B 48 26.45 -0.81 -24.78
N GLU B 49 25.36 -0.75 -25.55
CA GLU B 49 25.29 0.10 -26.73
C GLU B 49 25.38 1.58 -26.36
N TYR B 50 24.67 1.98 -25.31
CA TYR B 50 24.60 3.37 -24.92
C TYR B 50 25.53 3.69 -23.75
N LYS B 51 26.40 2.74 -23.41
CA LYS B 51 27.41 2.92 -22.38
C LYS B 51 26.81 3.37 -21.05
N LEU B 52 25.80 2.62 -20.60
CA LEU B 52 25.10 2.95 -19.36
C LEU B 52 25.66 2.15 -18.20
N GLN B 53 25.47 2.67 -16.99
CA GLN B 53 25.98 2.04 -15.78
C GLN B 53 25.35 0.66 -15.56
N ASN B 54 26.06 -0.20 -14.82
CA ASN B 54 25.55 -1.52 -14.49
C ASN B 54 24.37 -1.44 -13.52
N GLU B 55 24.33 -0.37 -12.74
CA GLU B 55 23.24 -0.15 -11.80
C GLU B 55 21.93 0.11 -12.53
N THR B 56 22.02 0.81 -13.66
CA THR B 56 20.85 1.10 -14.48
C THR B 56 20.23 -0.19 -14.98
N LEU B 57 21.07 -1.13 -15.38
CA LEU B 57 20.61 -2.43 -15.85
C LEU B 57 19.92 -3.20 -14.74
N HIS B 58 20.56 -3.24 -13.57
CA HIS B 58 20.00 -3.95 -12.41
C HIS B 58 18.66 -3.37 -11.97
N LEU B 59 18.55 -2.05 -11.97
CA LEU B 59 17.32 -1.38 -11.56
C LEU B 59 16.16 -1.71 -12.49
N ALA B 60 16.44 -1.71 -13.80
CA ALA B 60 15.40 -1.98 -14.80
C ALA B 60 14.78 -3.36 -14.62
N VAL B 61 15.62 -4.36 -14.36
CA VAL B 61 15.16 -5.72 -14.14
C VAL B 61 14.25 -5.78 -12.91
N ASN B 62 14.67 -5.10 -11.85
CA ASN B 62 13.87 -4.99 -10.63
C ASN B 62 12.49 -4.40 -10.93
N TYR B 63 12.46 -3.34 -11.72
CA TYR B 63 11.23 -2.68 -12.10
C TYR B 63 10.33 -3.65 -12.89
N ILE B 64 10.95 -4.34 -13.86
CA ILE B 64 10.24 -5.28 -14.71
C ILE B 64 9.58 -6.39 -13.91
N ASP B 65 10.33 -7.00 -13.00
CA ASP B 65 9.83 -8.10 -12.19
C ASP B 65 8.66 -7.68 -11.31
N ARG B 66 8.72 -6.47 -10.77
CA ARG B 66 7.65 -5.95 -9.92
C ARG B 66 6.41 -5.61 -10.74
N PHE B 67 6.61 -5.02 -11.91
CA PHE B 67 5.50 -4.69 -12.79
C PHE B 67 4.78 -5.95 -13.25
N LEU B 68 5.55 -6.98 -13.60
CA LEU B 68 4.99 -8.24 -14.07
C LEU B 68 4.40 -9.06 -12.93
N SER B 69 4.65 -8.62 -11.70
CA SER B 69 4.06 -9.27 -10.52
C SER B 69 2.59 -8.86 -10.36
N SER B 70 2.24 -7.71 -10.91
CA SER B 70 0.92 -7.13 -10.71
C SER B 70 0.10 -7.08 -12.00
N MET B 71 0.78 -7.07 -13.14
CA MET B 71 0.11 -6.87 -14.43
C MET B 71 0.36 -8.01 -15.39
N SER B 72 -0.72 -8.53 -15.97
CA SER B 72 -0.61 -9.55 -17.01
C SER B 72 -0.29 -8.90 -18.35
N VAL B 73 0.74 -9.41 -19.02
CA VAL B 73 1.24 -8.79 -20.24
C VAL B 73 1.37 -9.82 -21.38
N LEU B 74 0.97 -9.44 -22.58
CA LEU B 74 1.12 -10.29 -23.76
C LEU B 74 2.55 -10.24 -24.29
N ARG B 75 2.89 -11.18 -25.16
CA ARG B 75 4.24 -11.26 -25.75
C ARG B 75 4.66 -9.97 -26.43
N GLY B 76 3.77 -9.44 -27.27
CA GLY B 76 4.08 -8.27 -28.09
C GLY B 76 4.30 -6.99 -27.31
N LYS B 77 3.94 -6.99 -26.03
CA LYS B 77 4.09 -5.80 -25.21
C LYS B 77 5.19 -5.95 -24.17
N LEU B 78 5.79 -7.14 -24.10
CA LEU B 78 6.84 -7.42 -23.14
C LEU B 78 8.05 -6.52 -23.35
N GLN B 79 8.43 -6.32 -24.61
CA GLN B 79 9.57 -5.49 -24.94
C GLN B 79 9.31 -4.02 -24.62
N LEU B 80 8.05 -3.60 -24.75
CA LEU B 80 7.67 -2.23 -24.42
C LEU B 80 7.80 -1.98 -22.92
N VAL B 81 7.43 -2.97 -22.12
CA VAL B 81 7.55 -2.88 -20.68
C VAL B 81 9.02 -2.77 -20.27
N GLY B 82 9.86 -3.59 -20.90
CA GLY B 82 11.29 -3.58 -20.61
C GLY B 82 11.96 -2.30 -21.04
N THR B 83 11.49 -1.71 -22.14
CA THR B 83 12.04 -0.47 -22.65
C THR B 83 11.76 0.70 -21.70
N ALA B 84 10.53 0.80 -21.23
CA ALA B 84 10.15 1.86 -20.31
C ALA B 84 10.90 1.72 -18.99
N ALA B 85 11.06 0.49 -18.52
CA ALA B 85 11.81 0.23 -17.31
C ALA B 85 13.26 0.65 -17.48
N MET B 86 13.80 0.45 -18.68
CA MET B 86 15.18 0.85 -18.97
C MET B 86 15.31 2.37 -19.02
N LEU B 87 14.33 3.02 -19.62
CA LEU B 87 14.31 4.49 -19.69
C LEU B 87 14.19 5.10 -18.31
N LEU B 88 13.27 4.56 -17.50
CA LEU B 88 13.07 5.04 -16.13
C LEU B 88 14.32 4.82 -15.28
N ALA B 89 14.93 3.64 -15.41
CA ALA B 89 16.17 3.35 -14.69
C ALA B 89 17.28 4.29 -15.14
N SER B 90 17.29 4.62 -16.42
CA SER B 90 18.27 5.56 -16.95
C SER B 90 18.05 6.96 -16.37
N LYS B 91 16.80 7.33 -16.18
CA LYS B 91 16.46 8.62 -15.61
C LYS B 91 16.87 8.70 -14.14
N PHE B 92 16.86 7.56 -13.47
CA PHE B 92 17.18 7.53 -12.04
C PHE B 92 18.68 7.52 -11.78
N GLU B 93 19.41 6.70 -12.55
CA GLU B 93 20.82 6.44 -12.23
C GLU B 93 21.82 7.25 -13.04
N GLU B 94 21.61 7.35 -14.35
CA GLU B 94 22.53 8.09 -15.21
C GLU B 94 22.53 9.58 -14.90
N ILE B 95 23.62 10.27 -15.23
CA ILE B 95 23.69 11.71 -15.04
C ILE B 95 22.69 12.39 -15.97
N TYR B 96 22.58 11.86 -17.19
CA TYR B 96 21.46 12.17 -18.07
C TYR B 96 21.17 10.93 -18.90
N PRO B 97 19.87 10.63 -19.09
CA PRO B 97 19.48 9.42 -19.81
C PRO B 97 19.54 9.60 -21.33
N PRO B 98 19.55 8.51 -22.09
CA PRO B 98 19.34 8.63 -23.53
C PRO B 98 17.96 9.18 -23.81
N GLU B 99 17.79 9.85 -24.96
CA GLU B 99 16.50 10.37 -25.35
C GLU B 99 15.51 9.24 -25.59
N VAL B 100 14.22 9.55 -25.51
CA VAL B 100 13.17 8.55 -25.73
C VAL B 100 13.28 7.97 -27.14
N ALA B 101 13.65 8.83 -28.09
CA ALA B 101 13.81 8.41 -29.49
C ALA B 101 14.82 7.29 -29.62
N GLU B 102 15.88 7.33 -28.82
CA GLU B 102 16.90 6.29 -28.81
C GLU B 102 16.29 4.95 -28.41
N PHE B 103 15.36 5.00 -27.46
CA PHE B 103 14.69 3.79 -26.99
C PHE B 103 13.66 3.30 -28.01
N VAL B 104 13.06 4.23 -28.74
CA VAL B 104 12.16 3.86 -29.83
C VAL B 104 12.97 3.23 -30.95
N TYR B 105 14.12 3.84 -31.24
CA TYR B 105 15.03 3.39 -32.28
C TYR B 105 15.62 2.02 -31.95
N ILE B 106 15.94 1.79 -30.69
CA ILE B 106 16.60 0.56 -30.28
C ILE B 106 15.65 -0.64 -30.32
N THR B 107 14.35 -0.38 -30.36
CA THR B 107 13.36 -1.44 -30.46
C THR B 107 13.02 -1.72 -31.92
N ASP B 108 13.83 -1.17 -32.82
CA ASP B 108 13.59 -1.27 -34.27
C ASP B 108 12.23 -0.68 -34.62
N ASP B 109 11.88 0.41 -33.94
CA ASP B 109 10.64 1.14 -34.16
C ASP B 109 9.40 0.24 -34.06
N THR B 110 9.47 -0.75 -33.17
CA THR B 110 8.34 -1.63 -32.91
C THR B 110 7.20 -0.86 -32.27
N TYR B 111 7.56 0.01 -31.33
CA TYR B 111 6.58 0.87 -30.68
C TYR B 111 6.84 2.33 -31.03
N THR B 112 5.86 3.18 -30.78
CA THR B 112 6.03 4.61 -31.03
C THR B 112 6.51 5.32 -29.78
N LYS B 113 6.90 6.58 -29.92
CA LYS B 113 7.35 7.36 -28.79
C LYS B 113 6.25 7.53 -27.73
N LYS B 114 5.00 7.62 -28.20
CA LYS B 114 3.88 7.85 -27.31
C LYS B 114 3.56 6.57 -26.53
N GLN B 115 3.75 5.41 -27.17
CA GLN B 115 3.61 4.14 -26.48
C GLN B 115 4.64 3.99 -25.36
N VAL B 116 5.86 4.45 -25.63
CA VAL B 116 6.93 4.37 -24.65
C VAL B 116 6.65 5.29 -23.47
N LEU B 117 6.24 6.52 -23.75
CA LEU B 117 6.01 7.52 -22.70
C LEU B 117 4.83 7.16 -21.80
N ARG B 118 3.80 6.55 -22.39
CA ARG B 118 2.62 6.17 -21.61
C ARG B 118 2.86 4.84 -20.87
N MET B 119 3.75 4.01 -21.39
CA MET B 119 4.17 2.83 -20.65
C MET B 119 5.00 3.28 -19.45
N GLU B 120 5.74 4.37 -19.61
CA GLU B 120 6.48 4.96 -18.51
C GLU B 120 5.52 5.45 -17.42
N HIS B 121 4.45 6.09 -17.85
CA HIS B 121 3.41 6.57 -16.94
C HIS B 121 2.80 5.39 -16.17
N LEU B 122 2.51 4.31 -16.90
CA LEU B 122 1.88 3.15 -16.30
C LEU B 122 2.80 2.49 -15.29
N VAL B 123 4.07 2.28 -15.68
CA VAL B 123 5.04 1.65 -14.79
C VAL B 123 5.23 2.48 -13.52
N LEU B 124 5.32 3.81 -13.68
CA LEU B 124 5.44 4.70 -12.54
C LEU B 124 4.26 4.54 -11.57
N LYS B 125 3.06 4.45 -12.11
CA LYS B 125 1.86 4.31 -11.29
C LYS B 125 1.80 2.95 -10.61
N VAL B 126 2.07 1.90 -11.37
CA VAL B 126 2.07 0.54 -10.83
C VAL B 126 3.12 0.37 -9.74
N LEU B 127 4.31 0.93 -9.95
CA LEU B 127 5.38 0.85 -8.95
C LEU B 127 5.23 1.92 -7.88
N THR B 128 4.23 2.80 -8.05
CA THR B 128 3.96 3.91 -7.13
C THR B 128 5.22 4.73 -6.83
N PHE B 129 5.95 5.07 -7.88
CA PHE B 129 7.14 5.93 -7.80
C PHE B 129 8.22 5.41 -6.85
N ASP B 130 8.22 4.11 -6.59
CA ASP B 130 9.23 3.50 -5.72
C ASP B 130 10.38 2.95 -6.57
N LEU B 131 11.27 3.84 -6.99
CA LEU B 131 12.31 3.48 -7.95
C LEU B 131 13.69 3.27 -7.33
N ALA B 132 13.88 3.77 -6.10
CA ALA B 132 15.15 3.64 -5.42
C ALA B 132 15.31 2.27 -4.76
N ALA B 133 15.26 1.22 -5.58
CA ALA B 133 15.31 -0.15 -5.08
C ALA B 133 16.74 -0.64 -4.90
N PRO B 134 17.00 -1.38 -3.80
CA PRO B 134 18.30 -1.98 -3.54
C PRO B 134 18.63 -3.10 -4.54
N THR B 135 19.88 -3.16 -4.97
CA THR B 135 20.29 -4.15 -5.97
C THR B 135 21.47 -4.99 -5.48
N VAL B 136 21.70 -6.11 -6.14
CA VAL B 136 22.88 -6.94 -5.91
C VAL B 136 24.14 -6.10 -6.10
N ASN B 137 24.10 -5.24 -7.11
CA ASN B 137 25.17 -4.28 -7.38
C ASN B 137 25.47 -3.39 -6.18
N GLN B 138 24.42 -2.92 -5.50
CA GLN B 138 24.58 -2.05 -4.35
C GLN B 138 25.20 -2.77 -3.16
N PHE B 139 24.78 -4.01 -2.94
CA PHE B 139 25.30 -4.80 -1.82
C PHE B 139 26.74 -5.24 -2.07
N LEU B 140 27.08 -5.53 -3.32
CA LEU B 140 28.45 -5.85 -3.69
C LEU B 140 29.39 -4.69 -3.36
N THR B 141 28.91 -3.47 -3.64
CA THR B 141 29.65 -2.26 -3.32
C THR B 141 29.92 -2.17 -1.82
N GLN B 142 28.91 -2.44 -1.02
CA GLN B 142 29.04 -2.40 0.44
C GLN B 142 30.01 -3.47 0.93
N TYR B 143 29.97 -4.64 0.30
CA TYR B 143 30.84 -5.75 0.68
C TYR B 143 32.30 -5.47 0.33
N PHE B 144 32.53 -4.81 -0.79
CA PHE B 144 33.87 -4.59 -1.32
C PHE B 144 34.76 -3.77 -0.39
N LEU B 145 34.13 -2.95 0.44
CA LEU B 145 34.88 -2.13 1.39
C LEU B 145 35.54 -2.99 2.46
N HIS B 146 35.02 -4.21 2.63
CA HIS B 146 35.57 -5.15 3.59
C HIS B 146 36.63 -6.03 2.93
N GLN B 147 37.03 -5.64 1.72
CA GLN B 147 38.17 -6.24 1.04
C GLN B 147 39.29 -5.19 1.00
N GLN B 148 39.94 -4.98 2.13
CA GLN B 148 40.97 -3.96 2.24
C GLN B 148 42.11 -4.20 1.25
N PRO B 149 42.62 -5.44 1.15
CA PRO B 149 43.47 -5.66 -0.02
C PRO B 149 42.60 -5.84 -1.26
N ALA B 150 42.15 -4.72 -1.83
CA ALA B 150 41.20 -4.73 -2.93
C ALA B 150 41.77 -5.42 -4.17
N ASN B 151 40.99 -6.33 -4.74
CA ASN B 151 41.38 -7.03 -5.95
C ASN B 151 40.37 -6.78 -7.05
N CYS B 152 40.83 -6.13 -8.12
CA CYS B 152 39.95 -5.75 -9.22
C CYS B 152 39.39 -6.95 -9.96
N LYS B 153 40.15 -8.05 -9.98
CA LYS B 153 39.70 -9.27 -10.64
C LYS B 153 38.57 -9.92 -9.86
N VAL B 154 38.68 -9.90 -8.53
CA VAL B 154 37.63 -10.44 -7.67
C VAL B 154 36.34 -9.62 -7.81
N GLU B 155 36.49 -8.29 -7.79
CA GLU B 155 35.34 -7.40 -7.92
C GLU B 155 34.66 -7.54 -9.27
N SER B 156 35.46 -7.76 -10.32
CA SER B 156 34.92 -7.92 -11.67
C SER B 156 34.19 -9.24 -11.84
N LEU B 157 34.75 -10.31 -11.27
CA LEU B 157 34.14 -11.62 -11.35
C LEU B 157 32.84 -11.66 -10.55
N ALA B 158 32.80 -10.93 -9.45
CA ALA B 158 31.60 -10.86 -8.61
C ALA B 158 30.47 -10.13 -9.32
N MET B 159 30.82 -9.08 -10.05
CA MET B 159 29.85 -8.35 -10.86
C MET B 159 29.30 -9.23 -11.97
N PHE B 160 30.19 -10.02 -12.57
CA PHE B 160 29.82 -10.92 -13.65
C PHE B 160 28.82 -11.98 -13.19
N LEU B 161 29.12 -12.64 -12.09
CA LEU B 161 28.22 -13.64 -11.52
C LEU B 161 26.91 -13.00 -11.07
N GLY B 162 27.00 -11.75 -10.62
CA GLY B 162 25.82 -11.02 -10.20
C GLY B 162 24.90 -10.71 -11.36
N GLU B 163 25.49 -10.32 -12.49
CA GLU B 163 24.69 -9.98 -13.67
C GLU B 163 24.06 -11.22 -14.29
N LEU B 164 24.75 -12.35 -14.23
CA LEU B 164 24.25 -13.59 -14.80
C LEU B 164 22.97 -14.06 -14.11
N SER B 165 22.85 -13.75 -12.82
CA SER B 165 21.69 -14.16 -12.04
C SER B 165 20.43 -13.39 -12.45
N LEU B 166 20.62 -12.22 -13.06
CA LEU B 166 19.52 -11.41 -13.56
C LEU B 166 18.79 -12.10 -14.71
N ILE B 167 19.53 -12.96 -15.43
CA ILE B 167 19.01 -13.59 -16.64
C ILE B 167 17.97 -14.65 -16.35
N ASP B 168 18.26 -15.55 -15.40
CA ASP B 168 17.38 -16.66 -15.09
C ASP B 168 16.54 -16.39 -13.84
N ALA B 169 15.22 -16.36 -14.00
CA ALA B 169 14.33 -16.09 -12.88
C ALA B 169 14.00 -17.35 -12.09
N ASP B 170 14.20 -18.51 -12.71
CA ASP B 170 13.79 -19.78 -12.10
C ASP B 170 14.45 -20.06 -10.75
N PRO B 171 15.75 -19.79 -10.60
CA PRO B 171 16.27 -20.01 -9.25
C PRO B 171 16.49 -18.74 -8.42
N TYR B 172 16.68 -17.60 -9.06
CA TYR B 172 17.20 -16.42 -8.35
C TYR B 172 16.15 -15.43 -7.86
N LEU B 173 14.89 -15.62 -8.27
CA LEU B 173 13.82 -14.76 -7.77
C LEU B 173 13.47 -15.12 -6.33
N LYS B 174 13.99 -16.24 -5.84
CA LYS B 174 13.73 -16.67 -4.48
C LYS B 174 14.90 -16.35 -3.54
N TYR B 175 15.85 -15.57 -4.03
CA TYR B 175 16.95 -15.08 -3.19
C TYR B 175 16.93 -13.55 -3.14
N LEU B 176 17.15 -13.01 -1.94
CA LEU B 176 17.26 -11.56 -1.78
C LEU B 176 18.55 -11.07 -2.43
N PRO B 177 18.56 -9.79 -2.88
CA PRO B 177 19.75 -9.18 -3.48
C PRO B 177 21.01 -9.32 -2.62
N SER B 178 20.87 -9.12 -1.31
CA SER B 178 22.00 -9.24 -0.40
C SER B 178 22.57 -10.65 -0.36
N VAL B 179 21.70 -11.64 -0.53
CA VAL B 179 22.12 -13.03 -0.49
C VAL B 179 22.82 -13.43 -1.79
N ILE B 180 22.27 -12.97 -2.91
CA ILE B 180 22.90 -13.20 -4.22
C ILE B 180 24.28 -12.55 -4.24
N ALA B 181 24.38 -11.34 -3.72
CA ALA B 181 25.64 -10.62 -3.64
C ALA B 181 26.64 -11.35 -2.76
N GLY B 182 26.15 -11.99 -1.70
CA GLY B 182 27.00 -12.74 -0.80
C GLY B 182 27.63 -13.95 -1.48
N ALA B 183 26.81 -14.70 -2.21
CA ALA B 183 27.29 -15.87 -2.93
C ALA B 183 28.26 -15.47 -4.04
N ALA B 184 27.94 -14.38 -4.74
CA ALA B 184 28.77 -13.92 -5.84
C ALA B 184 30.14 -13.46 -5.35
N PHE B 185 30.16 -12.84 -4.18
CA PHE B 185 31.42 -12.34 -3.63
C PHE B 185 32.32 -13.49 -3.20
N HIS B 186 31.75 -14.47 -2.48
CA HIS B 186 32.51 -15.62 -2.02
C HIS B 186 33.06 -16.42 -3.18
N LEU B 187 32.20 -16.67 -4.17
CA LEU B 187 32.58 -17.50 -5.32
C LEU B 187 33.72 -16.84 -6.11
N ALA B 188 33.66 -15.52 -6.24
CA ALA B 188 34.69 -14.78 -6.96
C ALA B 188 36.00 -14.75 -6.17
N LEU B 189 35.88 -14.52 -4.86
CA LEU B 189 37.03 -14.50 -3.97
C LEU B 189 37.73 -15.86 -3.94
N TYR B 190 36.93 -16.92 -4.06
CA TYR B 190 37.44 -18.29 -4.01
C TYR B 190 38.12 -18.67 -5.32
N THR B 191 37.56 -18.21 -6.43
CA THR B 191 38.11 -18.53 -7.74
C THR B 191 39.44 -17.80 -7.99
N VAL B 192 39.46 -16.51 -7.68
CA VAL B 192 40.60 -15.66 -7.99
C VAL B 192 41.76 -15.82 -7.00
N THR B 193 41.44 -15.88 -5.71
CA THR B 193 42.45 -15.86 -4.66
C THR B 193 42.42 -17.09 -3.75
N GLY B 194 41.45 -17.96 -3.97
CA GLY B 194 41.36 -19.18 -3.20
C GLY B 194 41.06 -19.04 -1.73
N GLN B 195 40.59 -17.88 -1.31
CA GLN B 195 40.13 -17.72 0.07
C GLN B 195 38.63 -17.51 0.13
N SER B 196 38.13 -17.34 1.35
CA SER B 196 36.70 -17.49 1.61
C SER B 196 35.99 -16.28 2.20
N TRP B 197 34.66 -16.35 2.16
CA TRP B 197 33.75 -15.40 2.79
C TRP B 197 34.20 -15.02 4.20
N PRO B 198 34.79 -13.81 4.34
CA PRO B 198 35.52 -13.39 5.55
C PRO B 198 34.63 -13.11 6.76
N GLU B 199 35.24 -13.11 7.94
CA GLU B 199 34.52 -12.92 9.19
C GLU B 199 33.87 -11.55 9.29
N SER B 200 34.56 -10.53 8.78
CA SER B 200 34.08 -9.15 8.84
C SER B 200 32.70 -9.01 8.20
N LEU B 201 32.44 -9.80 7.17
CA LEU B 201 31.16 -9.76 6.48
C LEU B 201 30.14 -10.65 7.19
N ILE B 202 30.62 -11.74 7.79
CA ILE B 202 29.77 -12.59 8.60
C ILE B 202 29.23 -11.78 9.78
N ARG B 203 30.09 -10.96 10.35
CA ARG B 203 29.69 -10.05 11.42
C ARG B 203 28.75 -8.98 10.90
N LYS B 204 29.08 -8.44 9.72
CA LYS B 204 28.30 -7.35 9.13
C LYS B 204 26.90 -7.81 8.68
N THR B 205 26.85 -8.85 7.86
CA THR B 205 25.60 -9.26 7.23
C THR B 205 24.83 -10.27 8.06
N GLY B 206 25.51 -10.94 8.98
CA GLY B 206 24.89 -11.99 9.77
C GLY B 206 24.83 -13.30 8.99
N TYR B 207 25.18 -13.25 7.72
CA TYR B 207 25.18 -14.43 6.86
C TYR B 207 26.40 -15.30 7.12
N THR B 208 26.18 -16.54 7.52
CA THR B 208 27.25 -17.51 7.59
C THR B 208 27.50 -18.03 6.18
N LEU B 209 28.61 -18.74 5.99
CA LEU B 209 28.91 -19.30 4.68
C LEU B 209 27.88 -20.37 4.32
N GLU B 210 27.41 -21.10 5.33
CA GLU B 210 26.43 -22.17 5.12
C GLU B 210 25.04 -21.60 4.87
N SER B 211 24.78 -20.39 5.36
CA SER B 211 23.51 -19.73 5.09
C SER B 211 23.43 -19.34 3.61
N LEU B 212 24.59 -19.17 3.00
CA LEU B 212 24.67 -18.79 1.59
C LEU B 212 24.80 -20.03 0.69
N LYS B 213 24.93 -21.20 1.29
CA LYS B 213 25.17 -22.44 0.56
C LYS B 213 24.14 -22.77 -0.53
N PRO B 214 22.82 -22.64 -0.23
CA PRO B 214 21.86 -22.96 -1.31
C PRO B 214 21.98 -22.04 -2.52
N CYS B 215 22.14 -20.74 -2.29
CA CYS B 215 22.31 -19.80 -3.39
C CYS B 215 23.66 -20.01 -4.06
N LEU B 216 24.65 -20.40 -3.27
CA LEU B 216 26.00 -20.60 -3.76
C LEU B 216 26.10 -21.81 -4.69
N MET B 217 25.31 -22.84 -4.40
CA MET B 217 25.27 -24.02 -5.25
C MET B 217 24.64 -23.68 -6.60
N ASP B 218 23.55 -22.93 -6.56
CA ASP B 218 22.86 -22.50 -7.78
C ASP B 218 23.77 -21.63 -8.65
N LEU B 219 24.45 -20.69 -8.02
CA LEU B 219 25.28 -19.74 -8.75
C LEU B 219 26.52 -20.40 -9.35
N HIS B 220 27.07 -21.37 -8.65
CA HIS B 220 28.22 -22.10 -9.16
C HIS B 220 27.84 -22.91 -10.38
N GLN B 221 26.60 -23.38 -10.41
CA GLN B 221 26.08 -24.13 -11.56
C GLN B 221 25.90 -23.20 -12.76
N THR B 222 25.37 -22.01 -12.50
CA THR B 222 25.21 -21.00 -13.54
C THR B 222 26.57 -20.62 -14.11
N TYR B 223 27.56 -20.54 -13.22
CA TYR B 223 28.94 -20.25 -13.61
C TYR B 223 29.48 -21.34 -14.53
N LEU B 224 29.31 -22.59 -14.14
CA LEU B 224 29.82 -23.72 -14.91
C LEU B 224 29.17 -23.84 -16.28
N LYS B 225 27.85 -23.63 -16.34
CA LYS B 225 27.11 -23.83 -17.58
C LYS B 225 26.90 -22.53 -18.34
N ALA B 226 27.54 -21.45 -17.88
CA ALA B 226 27.50 -20.16 -18.57
C ALA B 226 27.95 -20.24 -20.04
N PRO B 227 28.98 -21.05 -20.36
CA PRO B 227 29.30 -21.19 -21.78
C PRO B 227 28.18 -21.75 -22.65
N GLN B 228 27.31 -22.59 -22.07
CA GLN B 228 26.29 -23.28 -22.84
C GLN B 228 24.94 -22.56 -22.81
N HIS B 229 24.86 -21.47 -22.05
CA HIS B 229 23.61 -20.75 -21.90
C HIS B 229 23.13 -20.15 -23.21
N ALA B 230 21.82 -20.02 -23.37
CA ALA B 230 21.23 -19.49 -24.59
C ALA B 230 21.49 -18.00 -24.73
N GLN B 231 21.69 -17.33 -23.60
CA GLN B 231 21.97 -15.90 -23.59
C GLN B 231 23.44 -15.66 -23.27
N GLN B 232 24.13 -14.90 -24.10
CA GLN B 232 25.58 -14.77 -24.01
C GLN B 232 26.09 -13.32 -23.97
N SER B 233 25.17 -12.37 -23.86
CA SER B 233 25.54 -10.95 -23.91
C SER B 233 26.44 -10.54 -22.75
N ILE B 234 26.16 -11.06 -21.56
CA ILE B 234 26.93 -10.72 -20.37
C ILE B 234 28.33 -11.32 -20.42
N ARG B 235 28.43 -12.56 -20.92
CA ARG B 235 29.72 -13.21 -21.06
C ARG B 235 30.62 -12.45 -22.02
N GLU B 236 30.07 -12.02 -23.14
CA GLU B 236 30.79 -11.21 -24.11
C GLU B 236 31.22 -9.89 -23.47
N LYS B 237 30.33 -9.34 -22.64
CA LYS B 237 30.59 -8.10 -21.94
C LYS B 237 31.82 -8.19 -21.05
N TYR B 238 31.94 -9.30 -20.32
CA TYR B 238 33.00 -9.44 -19.32
C TYR B 238 34.25 -10.15 -19.84
N LYS B 239 34.36 -10.24 -21.17
CA LYS B 239 35.59 -10.74 -21.78
C LYS B 239 36.56 -9.58 -22.01
N ASN B 240 36.01 -8.37 -22.13
CA ASN B 240 36.80 -7.18 -22.38
C ASN B 240 37.74 -6.85 -21.23
N SER B 241 38.87 -6.22 -21.56
CA SER B 241 39.92 -5.90 -20.59
C SER B 241 39.44 -5.02 -19.44
N LYS B 242 38.34 -4.30 -19.64
CA LYS B 242 37.76 -3.47 -18.59
C LYS B 242 37.41 -4.31 -17.36
N TYR B 243 36.94 -5.53 -17.59
CA TYR B 243 36.58 -6.43 -16.50
C TYR B 243 37.63 -7.52 -16.32
N HIS B 244 38.84 -7.25 -16.79
CA HIS B 244 39.98 -8.16 -16.64
C HIS B 244 39.72 -9.54 -17.24
N GLY B 245 38.77 -9.61 -18.17
CA GLY B 245 38.41 -10.85 -18.84
C GLY B 245 38.02 -11.96 -17.88
N VAL B 246 37.33 -11.62 -16.81
CA VAL B 246 37.01 -12.59 -15.75
C VAL B 246 36.05 -13.68 -16.22
N SER B 247 35.27 -13.39 -17.26
CA SER B 247 34.32 -14.37 -17.77
C SER B 247 35.04 -15.57 -18.38
N LEU B 248 36.27 -15.33 -18.83
CA LEU B 248 37.09 -16.37 -19.44
C LEU B 248 37.75 -17.26 -18.40
N LEU B 249 37.66 -16.87 -17.13
CA LEU B 249 38.24 -17.65 -16.04
C LEU B 249 37.54 -19.00 -15.90
N ASN B 250 38.33 -20.05 -15.71
CA ASN B 250 37.79 -21.38 -15.47
C ASN B 250 37.29 -21.51 -14.04
N PRO B 251 35.97 -21.68 -13.87
CA PRO B 251 35.42 -21.87 -12.53
C PRO B 251 35.92 -23.18 -11.91
N PRO B 252 36.09 -23.19 -10.57
CA PRO B 252 36.57 -24.39 -9.88
C PRO B 252 35.60 -25.56 -10.04
N GLU B 253 36.13 -26.77 -9.98
CA GLU B 253 35.32 -27.97 -10.19
C GLU B 253 34.33 -28.16 -9.04
N THR B 254 34.82 -28.02 -7.81
CA THR B 254 33.97 -28.10 -6.63
C THR B 254 34.18 -26.88 -5.75
N LEU B 255 33.42 -26.78 -4.67
CA LEU B 255 33.54 -25.67 -3.74
C LEU B 255 33.93 -26.14 -2.33
N ASN B 256 33.81 -27.44 -2.11
CA ASN B 256 34.15 -28.06 -0.82
C ASN B 256 33.43 -27.40 0.35
N LEU B 257 32.12 -27.65 0.45
CA LEU B 257 31.30 -27.05 1.49
C LEU B 257 30.79 -28.09 2.48
N ALA C 1 22.01 -5.23 -31.09
CA ALA C 1 21.56 -4.00 -30.46
C ALA C 1 20.17 -3.62 -30.92
N ARG C 2 20.11 -2.83 -31.99
CA ARG C 2 18.82 -2.42 -32.55
CA ARG C 2 18.83 -2.42 -32.57
C ARG C 2 18.11 -3.61 -33.18
N LYS C 3 17.04 -4.06 -32.51
CA LYS C 3 16.27 -5.19 -32.97
C LYS C 3 14.91 -5.23 -32.28
N ARG C 4 14.00 -6.03 -32.84
CA ARG C 4 12.72 -6.27 -32.21
C ARG C 4 12.70 -7.67 -31.62
N LEU C 5 12.51 -7.75 -30.31
CA LEU C 5 12.53 -9.02 -29.62
C LEU C 5 11.46 -9.95 -30.17
N GLU C 6 11.92 -11.04 -30.75
CA GLU C 6 11.06 -12.03 -31.38
C GLU C 6 11.08 -13.28 -30.53
N LEU C 7 9.97 -13.52 -29.85
CA LEU C 7 9.96 -14.43 -28.71
C LEU C 7 9.34 -15.77 -29.04
N MET D 1 -8.19 6.95 -18.49
CA MET D 1 -9.09 6.01 -19.14
C MET D 1 -8.77 5.93 -20.64
N GLU D 2 -7.60 6.43 -21.01
CA GLU D 2 -7.18 6.41 -22.40
C GLU D 2 -6.49 5.10 -22.77
N ASN D 3 -6.09 4.33 -21.76
CA ASN D 3 -5.34 3.10 -21.99
C ASN D 3 -6.23 1.92 -22.37
N PHE D 4 -7.54 2.09 -22.29
CA PHE D 4 -8.47 1.01 -22.60
C PHE D 4 -9.19 1.23 -23.93
N GLN D 5 -9.22 0.18 -24.75
CA GLN D 5 -9.94 0.20 -26.02
C GLN D 5 -11.16 -0.69 -25.95
N LYS D 6 -12.35 -0.09 -26.05
CA LYS D 6 -13.59 -0.85 -25.99
C LYS D 6 -13.75 -1.72 -27.22
N VAL D 7 -13.91 -3.03 -26.99
CA VAL D 7 -14.04 -3.99 -28.07
C VAL D 7 -15.51 -4.26 -28.40
N GLU D 8 -16.33 -4.38 -27.36
CA GLU D 8 -17.69 -4.86 -27.52
C GLU D 8 -18.52 -4.62 -26.27
N LYS D 9 -19.81 -4.33 -26.45
CA LYS D 9 -20.73 -4.21 -25.32
C LYS D 9 -21.20 -5.60 -24.93
N ILE D 10 -20.92 -6.00 -23.69
CA ILE D 10 -21.19 -7.36 -23.24
C ILE D 10 -22.49 -7.44 -22.44
N GLY D 11 -22.85 -6.36 -21.76
CA GLY D 11 -24.09 -6.35 -21.00
C GLY D 11 -24.53 -4.99 -20.48
N GLU D 12 -25.71 -4.97 -19.85
CA GLU D 12 -26.25 -3.76 -19.26
C GLU D 12 -26.91 -4.09 -17.92
N GLY D 13 -26.66 -3.26 -16.91
CA GLY D 13 -27.23 -3.48 -15.60
C GLY D 13 -28.02 -2.29 -15.11
N THR D 14 -28.62 -2.41 -13.93
CA THR D 14 -29.37 -1.32 -13.32
C THR D 14 -28.46 -0.12 -13.09
N TYR D 15 -27.18 -0.39 -12.88
CA TYR D 15 -26.20 0.66 -12.70
C TYR D 15 -25.14 0.64 -13.80
N GLY D 16 -25.44 1.28 -14.92
CA GLY D 16 -24.45 1.48 -15.97
C GLY D 16 -24.22 0.31 -16.91
N VAL D 17 -23.39 0.55 -17.92
CA VAL D 17 -23.09 -0.43 -18.96
C VAL D 17 -21.87 -1.26 -18.60
N VAL D 18 -21.71 -2.41 -19.25
CA VAL D 18 -20.50 -3.22 -19.13
C VAL D 18 -19.91 -3.46 -20.51
N TYR D 19 -18.60 -3.24 -20.65
CA TYR D 19 -17.93 -3.41 -21.93
C TYR D 19 -16.82 -4.45 -21.87
N LYS D 20 -16.59 -5.14 -22.99
CA LYS D 20 -15.37 -5.91 -23.17
C LYS D 20 -14.32 -4.97 -23.74
N ALA D 21 -13.20 -4.82 -23.02
CA ALA D 21 -12.17 -3.89 -23.44
C ALA D 21 -10.79 -4.52 -23.46
N ARG D 22 -9.83 -3.75 -23.94
CA ARG D 22 -8.44 -4.19 -24.02
C ARG D 22 -7.50 -3.10 -23.52
N ASN D 23 -6.56 -3.47 -22.67
CA ASN D 23 -5.49 -2.55 -22.29
C ASN D 23 -4.57 -2.35 -23.48
N LYS D 24 -4.43 -1.12 -23.94
CA LYS D 24 -3.69 -0.86 -25.18
C LYS D 24 -2.18 -0.89 -24.98
N LEU D 25 -1.74 -0.93 -23.73
CA LEU D 25 -0.31 -0.96 -23.45
C LEU D 25 0.19 -2.36 -23.07
N THR D 26 -0.63 -3.08 -22.31
CA THR D 26 -0.23 -4.41 -21.84
C THR D 26 -0.89 -5.54 -22.64
N GLY D 27 -1.99 -5.21 -23.31
CA GLY D 27 -2.70 -6.20 -24.12
C GLY D 27 -3.71 -7.00 -23.34
N GLU D 28 -3.83 -6.72 -22.04
CA GLU D 28 -4.76 -7.45 -21.17
C GLU D 28 -6.21 -7.22 -21.56
N VAL D 29 -6.99 -8.28 -21.64
CA VAL D 29 -8.42 -8.18 -21.92
C VAL D 29 -9.21 -8.08 -20.62
N VAL D 30 -10.07 -7.08 -20.53
CA VAL D 30 -10.80 -6.83 -19.29
C VAL D 30 -12.30 -6.72 -19.50
N ALA D 31 -13.04 -6.82 -18.40
CA ALA D 31 -14.47 -6.51 -18.39
C ALA D 31 -14.65 -5.14 -17.74
N LEU D 32 -15.07 -4.17 -18.53
CA LEU D 32 -15.15 -2.78 -18.07
C LEU D 32 -16.56 -2.40 -17.68
N LYS D 33 -16.79 -2.20 -16.38
CA LYS D 33 -18.10 -1.83 -15.88
C LYS D 33 -18.17 -0.34 -15.59
N LYS D 34 -19.03 0.37 -16.32
CA LYS D 34 -19.14 1.82 -16.20
C LYS D 34 -20.31 2.21 -15.30
N ILE D 35 -20.10 3.24 -14.48
CA ILE D 35 -21.15 3.76 -13.61
C ILE D 35 -21.16 5.28 -13.65
N ARG D 36 -22.20 5.86 -14.24
CA ARG D 36 -22.34 7.30 -14.25
C ARG D 36 -22.76 7.72 -12.87
N LEU D 37 -22.29 8.87 -12.42
CA LEU D 37 -22.61 9.30 -11.08
C LEU D 37 -23.47 10.52 -11.00
N ASP D 38 -24.41 10.52 -10.07
CA ASP D 38 -25.20 11.71 -9.86
C ASP D 38 -24.40 12.35 -8.75
N THR D 39 -23.63 13.36 -9.11
CA THR D 39 -22.80 14.05 -8.13
C THR D 39 -23.61 14.78 -7.09
N GLU D 40 -24.71 15.38 -7.53
CA GLU D 40 -25.60 16.10 -6.63
C GLU D 40 -26.44 15.38 -5.57
N THR D 41 -27.05 14.26 -5.92
CA THR D 41 -27.95 13.59 -4.98
C THR D 41 -27.71 12.17 -4.52
N GLU D 42 -26.64 11.56 -4.99
CA GLU D 42 -26.35 10.17 -4.65
C GLU D 42 -24.89 9.90 -4.29
N GLY D 43 -23.97 10.34 -5.14
CA GLY D 43 -22.57 10.00 -4.98
C GLY D 43 -22.34 8.56 -5.39
N VAL D 44 -21.35 7.92 -4.78
CA VAL D 44 -21.05 6.51 -5.09
C VAL D 44 -22.18 5.62 -4.59
N PRO D 45 -22.76 4.81 -5.49
CA PRO D 45 -23.86 3.89 -5.14
C PRO D 45 -23.46 2.89 -4.07
N SER D 46 -24.39 2.58 -3.17
CA SER D 46 -24.11 1.68 -2.06
C SER D 46 -23.86 0.25 -2.53
N THR D 47 -24.44 -0.10 -3.68
CA THR D 47 -24.23 -1.43 -4.25
C THR D 47 -22.80 -1.57 -4.74
N ALA D 48 -22.20 -0.46 -5.18
CA ALA D 48 -20.82 -0.47 -5.62
C ALA D 48 -19.88 -0.39 -4.41
N ILE D 49 -20.35 0.28 -3.36
CA ILE D 49 -19.60 0.37 -2.11
C ILE D 49 -19.33 -1.01 -1.54
N ARG D 50 -20.35 -1.87 -1.55
CA ARG D 50 -20.21 -3.23 -1.05
C ARG D 50 -19.43 -4.11 -2.02
N GLU D 51 -19.77 -4.03 -3.30
CA GLU D 51 -19.11 -4.87 -4.31
C GLU D 51 -17.61 -4.62 -4.34
N ILE D 52 -17.20 -3.37 -4.36
CA ILE D 52 -15.77 -3.04 -4.42
C ILE D 52 -15.04 -3.46 -3.14
N SER D 53 -15.55 -3.04 -1.99
CA SER D 53 -14.87 -3.30 -0.72
C SER D 53 -14.80 -4.78 -0.37
N LEU D 54 -15.84 -5.53 -0.71
CA LEU D 54 -15.88 -6.96 -0.40
C LEU D 54 -15.07 -7.79 -1.40
N LEU D 55 -15.22 -7.50 -2.68
CA LEU D 55 -14.55 -8.29 -3.72
C LEU D 55 -13.04 -8.12 -3.67
N LYS D 56 -12.58 -7.02 -3.07
CA LYS D 56 -11.15 -6.77 -2.89
C LYS D 56 -10.54 -7.81 -1.96
N GLU D 57 -11.30 -8.25 -0.97
CA GLU D 57 -10.81 -9.20 0.02
C GLU D 57 -10.99 -10.64 -0.44
N LEU D 58 -11.64 -10.83 -1.58
CA LEU D 58 -11.94 -12.17 -2.07
C LEU D 58 -11.12 -12.51 -3.31
N ASN D 59 -9.84 -12.81 -3.10
CA ASN D 59 -8.97 -13.28 -4.18
C ASN D 59 -8.89 -14.80 -4.20
N HIS D 60 -9.45 -15.39 -5.24
CA HIS D 60 -9.57 -16.84 -5.36
C HIS D 60 -9.67 -17.21 -6.84
N PRO D 61 -9.15 -18.39 -7.20
CA PRO D 61 -9.25 -18.86 -8.60
C PRO D 61 -10.69 -18.94 -9.12
N ASN D 62 -11.65 -19.15 -8.23
CA ASN D 62 -13.05 -19.31 -8.63
C ASN D 62 -13.92 -18.11 -8.26
N ILE D 63 -13.28 -16.97 -8.05
CA ILE D 63 -13.99 -15.70 -7.88
C ILE D 63 -13.42 -14.70 -8.87
N VAL D 64 -14.30 -14.11 -9.69
CA VAL D 64 -13.88 -13.15 -10.70
C VAL D 64 -13.10 -12.00 -10.07
N LYS D 65 -11.88 -11.80 -10.54
CA LYS D 65 -10.97 -10.83 -9.95
C LYS D 65 -11.30 -9.39 -10.34
N LEU D 66 -11.38 -8.53 -9.33
CA LEU D 66 -11.48 -7.10 -9.56
C LEU D 66 -10.07 -6.54 -9.74
N LEU D 67 -9.77 -6.07 -10.95
CA LEU D 67 -8.41 -5.67 -11.30
C LEU D 67 -8.09 -4.23 -10.88
N ASP D 68 -9.04 -3.33 -11.06
CA ASP D 68 -8.82 -1.93 -10.74
C ASP D 68 -10.12 -1.16 -10.56
N VAL D 69 -10.03 -0.03 -9.87
CA VAL D 69 -11.17 0.87 -9.70
C VAL D 69 -10.74 2.31 -10.02
N ILE D 70 -11.30 2.86 -11.08
CA ILE D 70 -11.00 4.22 -11.48
C ILE D 70 -12.13 5.16 -11.08
N HIS D 71 -11.84 6.07 -10.16
CA HIS D 71 -12.85 6.94 -9.59
C HIS D 71 -12.58 8.41 -9.92
N THR D 72 -13.14 8.86 -11.04
CA THR D 72 -13.01 10.26 -11.44
C THR D 72 -14.14 11.09 -10.82
N GLU D 73 -14.28 12.33 -11.28
CA GLU D 73 -15.24 13.26 -10.71
C GLU D 73 -16.68 12.91 -11.10
N ASN D 74 -16.86 12.38 -12.30
CA ASN D 74 -18.20 12.15 -12.82
C ASN D 74 -18.51 10.67 -13.08
N LYS D 75 -17.48 9.84 -13.16
CA LYS D 75 -17.67 8.43 -13.47
C LYS D 75 -16.96 7.51 -12.49
N LEU D 76 -17.32 6.24 -12.51
CA LEU D 76 -16.68 5.22 -11.69
C LEU D 76 -16.55 3.93 -12.47
N TYR D 77 -15.31 3.53 -12.75
CA TYR D 77 -15.06 2.34 -13.55
C TYR D 77 -14.58 1.15 -12.69
N LEU D 78 -15.14 -0.02 -12.97
CA LEU D 78 -14.73 -1.24 -12.30
C LEU D 78 -14.14 -2.22 -13.30
N VAL D 79 -12.84 -2.49 -13.17
CA VAL D 79 -12.15 -3.36 -14.10
C VAL D 79 -12.06 -4.79 -13.57
N PHE D 80 -12.68 -5.72 -14.29
CA PHE D 80 -12.67 -7.12 -13.91
C PHE D 80 -11.83 -7.94 -14.89
N GLU D 81 -11.48 -9.15 -14.50
CA GLU D 81 -10.91 -10.11 -15.43
C GLU D 81 -12.03 -10.55 -16.38
N PHE D 82 -11.69 -10.77 -17.64
CA PHE D 82 -12.69 -11.12 -18.64
C PHE D 82 -12.85 -12.62 -18.78
N LEU D 83 -14.10 -13.07 -18.80
CA LEU D 83 -14.40 -14.48 -19.03
C LEU D 83 -15.46 -14.59 -20.13
N HIS D 84 -15.41 -15.68 -20.90
CA HIS D 84 -16.12 -15.77 -22.17
C HIS D 84 -17.64 -15.58 -22.06
N GLN D 85 -18.30 -16.40 -21.25
CA GLN D 85 -19.74 -16.26 -21.06
C GLN D 85 -20.20 -16.81 -19.71
N ASP D 86 -21.51 -16.83 -19.50
CA ASP D 86 -22.09 -17.29 -18.25
C ASP D 86 -22.70 -18.69 -18.39
N LEU D 87 -23.02 -19.30 -17.25
CA LEU D 87 -23.51 -20.67 -17.22
C LEU D 87 -24.89 -20.81 -17.85
N LYS D 88 -25.71 -19.76 -17.74
CA LYS D 88 -27.05 -19.79 -18.33
C LYS D 88 -26.98 -19.98 -19.84
N LYS D 89 -26.09 -19.23 -20.49
CA LYS D 89 -25.90 -19.33 -21.93
C LYS D 89 -25.38 -20.71 -22.31
N PHE D 90 -24.50 -21.25 -21.46
CA PHE D 90 -23.91 -22.57 -21.70
C PHE D 90 -24.94 -23.68 -21.57
N MET D 91 -25.87 -23.52 -20.64
CA MET D 91 -26.94 -24.49 -20.45
C MET D 91 -27.94 -24.46 -21.60
N ASP D 92 -28.27 -23.25 -22.04
CA ASP D 92 -29.19 -23.08 -23.16
C ASP D 92 -28.57 -23.62 -24.45
N ALA D 93 -27.26 -23.45 -24.59
CA ALA D 93 -26.55 -23.96 -25.75
C ALA D 93 -26.55 -25.48 -25.77
N SER D 94 -26.36 -26.08 -24.61
CA SER D 94 -26.30 -27.53 -24.49
C SER D 94 -27.65 -28.13 -24.12
N ALA D 95 -28.72 -27.41 -24.42
CA ALA D 95 -30.07 -27.86 -24.07
C ALA D 95 -30.41 -29.19 -24.73
N LEU D 96 -29.94 -29.37 -25.97
CA LEU D 96 -30.21 -30.59 -26.71
C LEU D 96 -29.36 -31.77 -26.23
N THR D 97 -28.06 -31.55 -26.15
CA THR D 97 -27.13 -32.63 -25.81
C THR D 97 -26.97 -32.82 -24.30
N GLY D 98 -26.95 -31.72 -23.55
CA GLY D 98 -26.78 -31.77 -22.11
C GLY D 98 -25.33 -31.62 -21.69
N ILE D 99 -25.13 -31.07 -20.49
CA ILE D 99 -23.79 -30.95 -19.92
C ILE D 99 -23.32 -32.32 -19.45
N PRO D 100 -22.13 -32.75 -19.92
CA PRO D 100 -21.57 -34.03 -19.48
C PRO D 100 -21.33 -34.05 -17.97
N LEU D 101 -21.49 -35.21 -17.34
CA LEU D 101 -21.34 -35.35 -15.90
C LEU D 101 -19.99 -34.89 -15.34
N PRO D 102 -18.85 -35.33 -15.94
CA PRO D 102 -17.58 -34.92 -15.35
C PRO D 102 -17.35 -33.41 -15.35
N LEU D 103 -18.03 -32.69 -16.25
CA LEU D 103 -17.95 -31.24 -16.28
C LEU D 103 -18.83 -30.64 -15.18
N ILE D 104 -19.98 -31.27 -14.96
CA ILE D 104 -20.89 -30.85 -13.90
C ILE D 104 -20.22 -31.01 -12.54
N LYS D 105 -19.57 -32.16 -12.33
CA LYS D 105 -18.82 -32.42 -11.12
C LYS D 105 -17.71 -31.39 -10.95
N SER D 106 -17.04 -31.08 -12.06
CA SER D 106 -15.96 -30.10 -12.06
C SER D 106 -16.48 -28.72 -11.69
N TYR D 107 -17.55 -28.29 -12.34
CA TYR D 107 -18.12 -26.97 -12.11
C TYR D 107 -18.64 -26.80 -10.69
N LEU D 108 -19.35 -27.81 -10.19
CA LEU D 108 -19.87 -27.76 -8.82
C LEU D 108 -18.73 -27.74 -7.81
N PHE D 109 -17.65 -28.43 -8.13
CA PHE D 109 -16.48 -28.49 -7.26
C PHE D 109 -15.83 -27.12 -7.12
N GLN D 110 -15.63 -26.44 -8.24
CA GLN D 110 -15.00 -25.12 -8.22
C GLN D 110 -15.90 -24.07 -7.57
N LEU D 111 -17.20 -24.18 -7.81
CA LEU D 111 -18.16 -23.24 -7.26
C LEU D 111 -18.19 -23.31 -5.74
N LEU D 112 -18.10 -24.51 -5.20
CA LEU D 112 -18.12 -24.71 -3.75
C LEU D 112 -16.84 -24.21 -3.11
N GLN D 113 -15.74 -24.20 -3.87
CA GLN D 113 -14.47 -23.69 -3.37
C GLN D 113 -14.48 -22.16 -3.31
N GLY D 114 -15.07 -21.54 -4.34
CA GLY D 114 -15.19 -20.10 -4.38
C GLY D 114 -16.12 -19.60 -3.29
N LEU D 115 -17.20 -20.34 -3.04
CA LEU D 115 -18.18 -19.93 -2.04
C LEU D 115 -17.70 -20.23 -0.63
N ALA D 116 -16.98 -21.34 -0.47
CA ALA D 116 -16.38 -21.66 0.82
C ALA D 116 -15.39 -20.59 1.21
N PHE D 117 -14.77 -19.98 0.22
CA PHE D 117 -13.83 -18.90 0.44
C PHE D 117 -14.56 -17.62 0.83
N CYS D 118 -15.69 -17.37 0.17
CA CYS D 118 -16.55 -16.24 0.51
C CYS D 118 -17.02 -16.34 1.94
N HIS D 119 -17.52 -17.51 2.32
CA HIS D 119 -18.07 -17.73 3.65
C HIS D 119 -16.98 -17.69 4.73
N SER D 120 -15.78 -18.14 4.37
CA SER D 120 -14.66 -18.10 5.31
C SER D 120 -14.19 -16.67 5.53
N HIS D 121 -14.65 -15.76 4.69
CA HIS D 121 -14.30 -14.35 4.80
C HIS D 121 -15.55 -13.49 5.04
N ARG D 122 -16.49 -14.06 5.78
CA ARG D 122 -17.73 -13.39 6.22
C ARG D 122 -18.50 -12.69 5.09
N VAL D 123 -18.41 -13.22 3.87
CA VAL D 123 -19.19 -12.67 2.77
C VAL D 123 -20.30 -13.60 2.29
N LEU D 124 -21.53 -13.10 2.27
CA LEU D 124 -22.65 -13.80 1.63
C LEU D 124 -22.83 -13.27 0.21
N HIS D 125 -23.03 -14.16 -0.74
CA HIS D 125 -23.24 -13.73 -2.12
C HIS D 125 -24.69 -13.31 -2.37
N ARG D 126 -25.62 -14.21 -2.05
CA ARG D 126 -27.05 -13.95 -2.04
C ARG D 126 -27.70 -13.80 -3.42
N ASP D 127 -26.91 -13.92 -4.48
CA ASP D 127 -27.46 -13.89 -5.83
C ASP D 127 -26.78 -14.96 -6.69
N LEU D 128 -26.79 -16.20 -6.21
CA LEU D 128 -26.19 -17.29 -6.95
C LEU D 128 -27.19 -17.89 -7.94
N LYS D 129 -26.97 -17.58 -9.20
CA LYS D 129 -27.79 -18.10 -10.26
C LYS D 129 -26.93 -18.26 -11.50
N PRO D 130 -27.37 -19.10 -12.42
CA PRO D 130 -26.63 -19.40 -13.65
C PRO D 130 -26.11 -18.23 -14.47
N GLN D 131 -26.80 -17.12 -14.49
CA GLN D 131 -26.36 -15.93 -15.21
C GLN D 131 -25.23 -15.18 -14.51
N ASN D 132 -25.02 -15.46 -13.23
CA ASN D 132 -23.98 -14.83 -12.47
C ASN D 132 -22.78 -15.73 -12.24
N LEU D 133 -22.70 -16.83 -12.96
CA LEU D 133 -21.55 -17.73 -12.89
C LEU D 133 -20.87 -17.79 -14.26
N LEU D 134 -19.61 -17.38 -14.31
CA LEU D 134 -18.91 -17.22 -15.58
C LEU D 134 -17.92 -18.35 -15.86
N ILE D 135 -17.86 -18.78 -17.12
CA ILE D 135 -16.92 -19.81 -17.55
C ILE D 135 -15.88 -19.28 -18.52
N ASN D 136 -14.71 -19.92 -18.55
CA ASN D 136 -13.73 -19.67 -19.61
C ASN D 136 -13.54 -20.93 -20.45
N THR D 137 -12.57 -20.88 -21.37
CA THR D 137 -12.34 -22.01 -22.27
C THR D 137 -11.45 -23.09 -21.65
N GLU D 138 -10.85 -22.79 -20.50
CA GLU D 138 -9.97 -23.75 -19.85
C GLU D 138 -10.74 -24.68 -18.90
N GLY D 139 -12.05 -24.53 -18.87
CA GLY D 139 -12.90 -25.38 -18.06
C GLY D 139 -13.10 -24.85 -16.65
N ALA D 140 -12.86 -23.56 -16.46
CA ALA D 140 -13.00 -22.95 -15.14
C ALA D 140 -14.36 -22.26 -15.00
N ILE D 141 -14.81 -22.14 -13.75
CA ILE D 141 -16.03 -21.41 -13.43
C ILE D 141 -15.77 -20.50 -12.24
N LYS D 142 -16.34 -19.30 -12.26
CA LYS D 142 -16.09 -18.32 -11.22
C LYS D 142 -17.35 -17.60 -10.77
N LEU D 143 -17.44 -17.32 -9.46
CA LEU D 143 -18.54 -16.53 -8.92
C LEU D 143 -18.42 -15.08 -9.37
N ALA D 144 -19.52 -14.50 -9.82
CA ALA D 144 -19.51 -13.12 -10.29
C ALA D 144 -20.75 -12.38 -9.82
N ASP D 145 -20.81 -11.08 -10.12
CA ASP D 145 -21.93 -10.21 -9.76
C ASP D 145 -22.17 -10.20 -8.26
N PHE D 146 -21.25 -9.56 -7.54
CA PHE D 146 -21.35 -9.42 -6.09
C PHE D 146 -22.10 -8.16 -5.69
N GLY D 147 -23.01 -7.72 -6.56
CA GLY D 147 -23.77 -6.51 -6.31
C GLY D 147 -24.66 -6.57 -5.09
N LEU D 148 -25.11 -7.78 -4.73
CA LEU D 148 -25.98 -7.97 -3.58
C LEU D 148 -25.25 -8.61 -2.40
N ALA D 149 -23.93 -8.70 -2.50
CA ALA D 149 -23.13 -9.33 -1.46
C ALA D 149 -23.17 -8.54 -0.15
N ARG D 150 -23.08 -9.26 0.96
CA ARG D 150 -23.13 -8.64 2.29
C ARG D 150 -22.12 -9.28 3.24
N ALA D 151 -21.45 -8.44 4.04
CA ALA D 151 -20.60 -8.93 5.10
C ALA D 151 -21.44 -9.30 6.31
N PHE D 152 -21.22 -10.48 6.89
CA PHE D 152 -22.03 -10.90 8.03
C PHE D 152 -21.21 -11.17 9.29
N GLY D 153 -20.26 -10.29 9.58
CA GLY D 153 -19.60 -10.31 10.88
C GLY D 153 -20.65 -9.99 11.95
N VAL D 154 -21.61 -9.17 11.56
CA VAL D 154 -22.82 -8.91 12.34
C VAL D 154 -24.00 -9.40 11.49
N PRO D 155 -24.97 -10.08 12.11
CA PRO D 155 -26.08 -10.71 11.37
C PRO D 155 -26.75 -9.82 10.33
N VAL D 156 -27.06 -10.37 9.17
CA VAL D 156 -27.67 -9.57 8.12
C VAL D 156 -29.16 -9.75 8.05
N ARG D 157 -29.90 -8.66 8.21
CA ARG D 157 -31.34 -8.71 8.14
C ARG D 157 -31.82 -8.98 6.74
N THR D 158 -32.98 -9.58 6.63
CA THR D 158 -33.54 -9.93 5.35
C THR D 158 -34.51 -8.89 4.83
N TYR D 159 -34.40 -8.55 3.56
CA TYR D 159 -35.28 -7.57 2.91
C TYR D 159 -35.88 -8.16 1.64
N THR D 160 -37.17 -7.90 1.40
CA THR D 160 -37.93 -8.47 0.27
C THR D 160 -37.48 -8.14 -1.16
N HIS D 161 -37.15 -6.88 -1.32
CA HIS D 161 -36.68 -6.20 -2.54
C HIS D 161 -35.26 -6.61 -2.97
N GLU D 162 -34.34 -6.64 -2.01
CA GLU D 162 -33.05 -7.31 -2.17
C GLU D 162 -33.12 -8.85 -2.04
N VAL D 163 -33.69 -9.55 -3.02
CA VAL D 163 -33.61 -11.02 -2.98
C VAL D 163 -33.35 -11.63 -4.36
N VAL D 164 -32.82 -12.85 -4.36
CA VAL D 164 -32.53 -13.61 -5.58
C VAL D 164 -33.82 -13.96 -6.31
N THR D 165 -33.71 -14.35 -7.57
CA THR D 165 -34.86 -14.81 -8.34
C THR D 165 -35.56 -15.93 -7.58
N LEU D 166 -36.87 -16.00 -7.74
CA LEU D 166 -37.69 -16.95 -6.98
C LEU D 166 -37.17 -18.38 -7.06
N TRP D 167 -36.72 -18.78 -8.25
CA TRP D 167 -36.34 -20.15 -8.53
C TRP D 167 -35.22 -20.67 -7.62
N TYR D 168 -34.33 -19.76 -7.22
CA TYR D 168 -33.17 -20.16 -6.42
C TYR D 168 -33.26 -19.64 -5.00
N ARG D 169 -34.45 -19.20 -4.60
CA ARG D 169 -34.66 -18.67 -3.26
C ARG D 169 -34.89 -19.79 -2.26
N ALA D 170 -34.19 -19.72 -1.13
CA ALA D 170 -34.27 -20.74 -0.10
C ALA D 170 -35.62 -20.71 0.62
N PRO D 171 -36.08 -21.87 1.13
CA PRO D 171 -37.39 -21.97 1.79
C PRO D 171 -37.49 -21.10 3.04
N GLU D 172 -36.38 -20.89 3.75
CA GLU D 172 -36.39 -20.07 4.95
C GLU D 172 -36.75 -18.63 4.62
N ILE D 173 -36.27 -18.15 3.48
CA ILE D 173 -36.54 -16.79 3.04
C ILE D 173 -38.00 -16.63 2.65
N LEU D 174 -38.53 -17.62 1.93
CA LEU D 174 -39.93 -17.61 1.50
C LEU D 174 -40.89 -17.65 2.69
N LEU D 175 -40.48 -18.35 3.75
CA LEU D 175 -41.32 -18.48 4.94
C LEU D 175 -41.09 -17.35 5.94
N GLY D 176 -40.22 -16.42 5.58
CA GLY D 176 -40.08 -15.18 6.33
C GLY D 176 -39.15 -15.17 7.53
N CYS D 177 -38.06 -15.93 7.47
CA CYS D 177 -37.02 -15.87 8.50
C CYS D 177 -36.47 -14.45 8.54
N LYS D 178 -35.92 -14.03 9.68
CA LYS D 178 -35.51 -12.64 9.84
C LYS D 178 -34.05 -12.35 9.45
N TYR D 179 -33.24 -13.40 9.36
CA TYR D 179 -31.83 -13.22 9.01
C TYR D 179 -31.38 -14.18 7.92
N TYR D 180 -30.42 -13.74 7.12
CA TYR D 180 -29.78 -14.62 6.15
C TYR D 180 -28.76 -15.50 6.85
N SER D 181 -28.33 -16.55 6.16
CA SER D 181 -27.24 -17.40 6.63
C SER D 181 -26.54 -18.01 5.43
N THR D 182 -25.42 -18.68 5.67
CA THR D 182 -24.65 -19.30 4.60
C THR D 182 -25.46 -20.39 3.88
N ALA D 183 -26.47 -20.92 4.55
CA ALA D 183 -27.32 -21.97 3.98
C ALA D 183 -28.08 -21.46 2.76
N VAL D 184 -28.39 -20.18 2.76
CA VAL D 184 -29.08 -19.54 1.64
C VAL D 184 -28.31 -19.70 0.33
N ASP D 185 -27.00 -19.45 0.38
CA ASP D 185 -26.15 -19.62 -0.78
C ASP D 185 -26.08 -21.08 -1.24
N ILE D 186 -25.98 -21.98 -0.26
CA ILE D 186 -25.88 -23.41 -0.53
C ILE D 186 -27.12 -23.93 -1.26
N TRP D 187 -28.29 -23.47 -0.81
CA TRP D 187 -29.55 -23.86 -1.45
C TRP D 187 -29.55 -23.53 -2.94
N SER D 188 -29.09 -22.32 -3.28
CA SER D 188 -29.09 -21.85 -4.66
C SER D 188 -28.23 -22.72 -5.58
N LEU D 189 -27.06 -23.14 -5.09
CA LEU D 189 -26.19 -24.02 -5.86
C LEU D 189 -26.77 -25.41 -5.97
N GLY D 190 -27.55 -25.78 -4.96
CA GLY D 190 -28.27 -27.04 -5.00
C GLY D 190 -29.25 -27.04 -6.15
N CYS D 191 -29.96 -25.94 -6.32
CA CYS D 191 -30.89 -25.79 -7.44
C CYS D 191 -30.13 -25.74 -8.76
N ILE D 192 -28.97 -25.10 -8.74
CA ILE D 192 -28.13 -24.99 -9.93
C ILE D 192 -27.55 -26.35 -10.29
N PHE D 193 -27.19 -27.12 -9.26
CA PHE D 193 -26.69 -28.48 -9.44
C PHE D 193 -27.69 -29.32 -10.22
N ALA D 194 -28.93 -29.35 -9.75
CA ALA D 194 -29.98 -30.16 -10.37
C ALA D 194 -30.36 -29.64 -11.75
N GLU D 195 -30.42 -28.32 -11.89
CA GLU D 195 -30.77 -27.70 -13.17
C GLU D 195 -29.74 -28.03 -14.25
N MET D 196 -28.48 -28.12 -13.83
CA MET D 196 -27.38 -28.46 -14.71
C MET D 196 -27.54 -29.87 -15.26
N VAL D 197 -28.16 -30.74 -14.46
CA VAL D 197 -28.30 -32.14 -14.80
C VAL D 197 -29.58 -32.43 -15.60
N THR D 198 -30.70 -31.93 -15.10
CA THR D 198 -32.00 -32.21 -15.72
C THR D 198 -32.27 -31.32 -16.93
N ARG D 199 -31.34 -30.41 -17.20
CA ARG D 199 -31.44 -29.47 -18.33
C ARG D 199 -32.69 -28.59 -18.23
N ARG D 200 -33.15 -28.37 -17.01
N ARG D 200 -33.16 -28.36 -17.01
CA ARG D 200 -34.34 -27.57 -16.75
CA ARG D 200 -34.32 -27.52 -16.78
C ARG D 200 -34.33 -27.05 -15.32
C ARG D 200 -34.36 -27.06 -15.32
N ALA D 201 -34.99 -25.91 -15.09
CA ALA D 201 -35.05 -25.33 -13.76
C ALA D 201 -35.73 -26.25 -12.75
N LEU D 202 -35.12 -26.37 -11.57
CA LEU D 202 -35.63 -27.25 -10.54
C LEU D 202 -36.97 -26.75 -9.98
N PHE D 203 -36.98 -25.52 -9.48
CA PHE D 203 -38.21 -24.94 -8.95
C PHE D 203 -38.59 -23.64 -9.66
N PRO D 204 -39.12 -23.74 -10.88
CA PRO D 204 -39.49 -22.55 -11.65
C PRO D 204 -40.85 -21.99 -11.27
N GLY D 205 -40.94 -21.35 -10.10
CA GLY D 205 -42.19 -20.81 -9.62
C GLY D 205 -42.63 -19.52 -10.31
N ASP D 206 -43.93 -19.23 -10.23
CA ASP D 206 -44.49 -18.01 -10.79
C ASP D 206 -44.73 -16.93 -9.74
N SER D 207 -44.83 -17.34 -8.48
CA SER D 207 -44.97 -16.40 -7.37
C SER D 207 -44.37 -16.99 -6.10
N GLU D 208 -44.32 -16.19 -5.04
CA GLU D 208 -43.74 -16.63 -3.77
C GLU D 208 -44.46 -17.87 -3.22
N ILE D 209 -45.77 -17.90 -3.36
CA ILE D 209 -46.55 -19.04 -2.86
C ILE D 209 -46.39 -20.24 -3.80
N ASP D 210 -46.38 -19.99 -5.10
CA ASP D 210 -46.24 -21.06 -6.08
C ASP D 210 -44.84 -21.66 -6.04
N GLN D 211 -43.84 -20.79 -5.95
CA GLN D 211 -42.46 -21.22 -5.79
C GLN D 211 -42.33 -22.13 -4.59
N LEU D 212 -42.99 -21.72 -3.51
CA LEU D 212 -42.97 -22.43 -2.25
C LEU D 212 -43.60 -23.82 -2.38
N PHE D 213 -44.76 -23.89 -3.02
CA PHE D 213 -45.47 -25.15 -3.18
C PHE D 213 -44.78 -26.10 -4.14
N ARG D 214 -44.06 -25.55 -5.11
CA ARG D 214 -43.36 -26.39 -6.08
C ARG D 214 -42.20 -27.11 -5.38
N ILE D 215 -41.63 -26.45 -4.39
CA ILE D 215 -40.60 -27.06 -3.55
C ILE D 215 -41.23 -28.16 -2.70
N PHE D 216 -42.45 -27.92 -2.26
CA PHE D 216 -43.19 -28.88 -1.45
C PHE D 216 -43.48 -30.17 -2.21
N ARG D 217 -44.02 -30.03 -3.42
CA ARG D 217 -44.42 -31.18 -4.22
C ARG D 217 -43.22 -32.03 -4.66
N THR D 218 -42.02 -31.56 -4.35
CA THR D 218 -40.81 -32.29 -4.68
C THR D 218 -40.13 -32.86 -3.43
N LEU D 219 -39.95 -32.01 -2.41
CA LEU D 219 -39.22 -32.40 -1.22
C LEU D 219 -40.14 -32.77 -0.05
N GLY D 220 -41.44 -32.60 -0.25
CA GLY D 220 -42.41 -32.91 0.79
C GLY D 220 -42.65 -31.72 1.71
N THR D 221 -43.87 -31.60 2.21
CA THR D 221 -44.22 -30.52 3.13
C THR D 221 -43.57 -30.73 4.49
N PRO D 222 -42.67 -29.81 4.89
CA PRO D 222 -41.94 -29.94 6.14
C PRO D 222 -42.84 -29.80 7.38
N ASP D 223 -42.49 -30.53 8.43
CA ASP D 223 -43.17 -30.41 9.72
C ASP D 223 -42.13 -30.14 10.80
N GLU D 224 -42.55 -30.14 12.06
CA GLU D 224 -41.64 -29.86 13.16
C GLU D 224 -40.60 -30.96 13.34
N VAL D 225 -40.86 -32.13 12.76
CA VAL D 225 -39.92 -33.25 12.82
C VAL D 225 -38.77 -33.06 11.84
N VAL D 226 -39.12 -32.72 10.60
CA VAL D 226 -38.11 -32.55 9.54
C VAL D 226 -37.33 -31.25 9.70
N TRP D 227 -38.05 -30.19 10.05
CA TRP D 227 -37.44 -28.87 10.21
C TRP D 227 -38.09 -28.18 11.41
N PRO D 228 -37.51 -28.37 12.60
CA PRO D 228 -38.05 -27.83 13.86
C PRO D 228 -38.19 -26.31 13.83
N GLY D 229 -39.42 -25.83 13.96
CA GLY D 229 -39.67 -24.40 14.08
C GLY D 229 -40.41 -23.75 12.92
N VAL D 230 -40.72 -24.52 11.88
CA VAL D 230 -41.42 -23.97 10.72
C VAL D 230 -42.81 -23.44 11.04
N THR D 231 -43.56 -24.18 11.85
CA THR D 231 -44.95 -23.84 12.13
C THR D 231 -45.05 -22.52 12.88
N SER D 232 -43.95 -22.12 13.51
CA SER D 232 -43.91 -20.86 14.25
C SER D 232 -43.39 -19.71 13.39
N MET D 233 -42.76 -20.03 12.26
CA MET D 233 -42.31 -19.00 11.33
C MET D 233 -43.50 -18.18 10.84
N PRO D 234 -43.30 -16.87 10.63
CA PRO D 234 -44.40 -15.94 10.34
C PRO D 234 -45.21 -16.28 9.09
N ASP D 235 -44.54 -16.57 7.97
CA ASP D 235 -45.24 -16.79 6.72
C ASP D 235 -45.69 -18.24 6.56
N TYR D 236 -45.47 -19.06 7.58
CA TYR D 236 -46.00 -20.41 7.56
C TYR D 236 -47.50 -20.39 7.85
N LYS D 237 -48.23 -21.27 7.18
CA LYS D 237 -49.66 -21.45 7.44
C LYS D 237 -49.96 -22.92 7.68
N PRO D 238 -50.72 -23.22 8.75
CA PRO D 238 -51.10 -24.60 9.08
C PRO D 238 -51.98 -25.23 7.99
N SER D 239 -52.51 -24.40 7.10
CA SER D 239 -53.39 -24.87 6.04
C SER D 239 -52.62 -25.32 4.80
N PHE D 240 -51.30 -25.43 4.93
CA PHE D 240 -50.49 -25.96 3.84
C PHE D 240 -50.83 -27.42 3.57
N PRO D 241 -51.18 -27.73 2.31
CA PRO D 241 -51.44 -29.13 1.92
C PRO D 241 -50.22 -30.02 2.12
N LYS D 242 -50.43 -31.22 2.64
CA LYS D 242 -49.35 -32.14 2.92
C LYS D 242 -48.97 -32.97 1.68
N TRP D 243 -47.76 -32.78 1.21
CA TRP D 243 -47.20 -33.61 0.14
C TRP D 243 -46.13 -34.52 0.69
N ALA D 244 -45.83 -35.58 -0.04
CA ALA D 244 -44.76 -36.49 0.34
C ALA D 244 -43.48 -36.16 -0.42
N ARG D 245 -42.33 -36.40 0.20
CA ARG D 245 -41.04 -36.23 -0.46
C ARG D 245 -40.89 -37.25 -1.59
N GLN D 246 -40.66 -36.76 -2.80
CA GLN D 246 -40.54 -37.65 -3.95
C GLN D 246 -39.13 -38.23 -4.03
N ASP D 247 -39.05 -39.47 -4.49
CA ASP D 247 -37.79 -40.19 -4.58
C ASP D 247 -36.81 -39.48 -5.51
N PHE D 248 -35.59 -39.28 -5.04
CA PHE D 248 -34.58 -38.52 -5.77
C PHE D 248 -34.11 -39.22 -7.04
N SER D 249 -34.39 -40.52 -7.14
CA SER D 249 -34.10 -41.25 -8.36
C SER D 249 -35.02 -40.78 -9.48
N LYS D 250 -36.14 -40.18 -9.09
CA LYS D 250 -37.11 -39.69 -10.06
C LYS D 250 -36.94 -38.21 -10.35
N VAL D 251 -36.49 -37.44 -9.35
CA VAL D 251 -36.34 -36.00 -9.52
C VAL D 251 -35.03 -35.65 -10.23
N VAL D 252 -34.02 -36.50 -10.07
CA VAL D 252 -32.76 -36.34 -10.79
C VAL D 252 -32.18 -37.71 -11.17
N PRO D 253 -32.81 -38.38 -12.15
CA PRO D 253 -32.38 -39.71 -12.58
C PRO D 253 -30.91 -39.84 -13.06
N PRO D 254 -30.37 -38.88 -13.84
CA PRO D 254 -29.03 -39.18 -14.37
C PRO D 254 -27.92 -39.09 -13.33
N LEU D 255 -28.25 -39.04 -12.06
CA LEU D 255 -27.25 -38.88 -11.01
C LEU D 255 -26.84 -40.18 -10.35
N ASP D 256 -25.54 -40.30 -10.12
CA ASP D 256 -24.96 -41.37 -9.31
C ASP D 256 -25.47 -41.22 -7.88
N GLU D 257 -25.45 -42.32 -7.12
CA GLU D 257 -25.91 -42.31 -5.72
C GLU D 257 -25.22 -41.25 -4.87
N ASP D 258 -23.95 -40.96 -5.17
CA ASP D 258 -23.21 -39.94 -4.45
C ASP D 258 -23.75 -38.54 -4.71
N GLY D 259 -23.99 -38.24 -6.00
CA GLY D 259 -24.54 -36.96 -6.37
C GLY D 259 -25.95 -36.80 -5.80
N ARG D 260 -26.64 -37.93 -5.67
CA ARG D 260 -27.98 -37.95 -5.12
C ARG D 260 -27.93 -37.59 -3.63
N SER D 261 -26.91 -38.08 -2.95
CA SER D 261 -26.70 -37.79 -1.54
C SER D 261 -26.34 -36.33 -1.32
N LEU D 262 -25.40 -35.84 -2.13
CA LEU D 262 -24.94 -34.45 -2.01
C LEU D 262 -26.08 -33.47 -2.25
N LEU D 263 -26.84 -33.70 -3.31
CA LEU D 263 -27.96 -32.83 -3.66
C LEU D 263 -28.99 -32.78 -2.53
N SER D 264 -29.19 -33.91 -1.87
CA SER D 264 -30.16 -34.00 -0.78
C SER D 264 -29.71 -33.15 0.41
N GLN D 265 -28.42 -33.15 0.69
CA GLN D 265 -27.88 -32.40 1.82
C GLN D 265 -27.82 -30.90 1.53
N MET D 266 -27.70 -30.56 0.25
CA MET D 266 -27.67 -29.15 -0.17
C MET D 266 -29.07 -28.56 -0.16
N LEU D 267 -30.08 -29.43 -0.23
CA LEU D 267 -31.48 -28.98 -0.26
C LEU D 267 -32.22 -29.38 1.02
N HIS D 268 -31.48 -29.53 2.11
CA HIS D 268 -32.08 -29.85 3.40
C HIS D 268 -32.96 -28.69 3.87
N TYR D 269 -34.10 -29.00 4.48
CA TYR D 269 -35.06 -27.98 4.88
C TYR D 269 -34.53 -27.08 5.98
N ASP D 270 -34.16 -27.68 7.11
CA ASP D 270 -33.57 -26.93 8.22
C ASP D 270 -32.26 -26.27 7.78
N PRO D 271 -32.16 -24.94 7.96
CA PRO D 271 -30.93 -24.24 7.60
C PRO D 271 -29.71 -24.72 8.38
N ASN D 272 -29.88 -24.95 9.69
CA ASN D 272 -28.80 -25.46 10.53
C ASN D 272 -28.27 -26.81 10.04
N LYS D 273 -29.19 -27.67 9.61
CA LYS D 273 -28.83 -29.01 9.18
C LYS D 273 -28.22 -29.02 7.77
N ARG D 274 -28.53 -28.00 6.99
CA ARG D 274 -28.08 -27.93 5.61
C ARG D 274 -26.56 -27.93 5.49
N ILE D 275 -26.05 -28.63 4.47
CA ILE D 275 -24.63 -28.77 4.24
C ILE D 275 -23.93 -27.42 4.11
N SER D 276 -22.66 -27.38 4.53
CA SER D 276 -21.83 -26.20 4.33
C SER D 276 -20.98 -26.40 3.09
N ALA D 277 -20.46 -25.31 2.53
CA ALA D 277 -19.65 -25.38 1.33
C ALA D 277 -18.37 -26.19 1.57
N LYS D 278 -17.80 -26.02 2.75
CA LYS D 278 -16.58 -26.73 3.13
C LYS D 278 -16.83 -28.24 3.22
N ALA D 279 -17.91 -28.61 3.91
CA ALA D 279 -18.25 -30.02 4.09
C ALA D 279 -18.59 -30.68 2.76
N ALA D 280 -19.25 -29.93 1.88
CA ALA D 280 -19.66 -30.45 0.57
C ALA D 280 -18.44 -30.82 -0.28
N LEU D 281 -17.34 -30.12 -0.07
CA LEU D 281 -16.11 -30.39 -0.82
C LEU D 281 -15.51 -31.75 -0.42
N ALA D 282 -15.85 -32.22 0.76
CA ALA D 282 -15.31 -33.47 1.28
C ALA D 282 -16.20 -34.66 0.95
N HIS D 283 -17.36 -34.40 0.36
CA HIS D 283 -18.32 -35.44 0.02
C HIS D 283 -17.70 -36.46 -0.95
N PRO D 284 -18.05 -37.74 -0.79
CA PRO D 284 -17.57 -38.82 -1.67
C PRO D 284 -17.87 -38.59 -3.15
N PHE D 285 -18.82 -37.70 -3.44
CA PHE D 285 -19.12 -37.30 -4.80
C PHE D 285 -17.87 -36.77 -5.48
N PHE D 286 -17.08 -36.00 -4.73
CA PHE D 286 -15.90 -35.36 -5.26
C PHE D 286 -14.62 -36.15 -5.04
N GLN D 287 -14.71 -37.48 -5.02
CA GLN D 287 -13.53 -38.31 -4.79
C GLN D 287 -12.68 -38.45 -6.05
N ASP D 288 -13.30 -38.31 -7.21
CA ASP D 288 -12.57 -38.33 -8.48
C ASP D 288 -13.03 -37.21 -9.41
N VAL D 289 -12.72 -35.98 -9.02
CA VAL D 289 -13.03 -34.82 -9.85
C VAL D 289 -11.95 -34.61 -10.91
N THR D 290 -12.37 -34.12 -12.07
CA THR D 290 -11.43 -33.76 -13.11
C THR D 290 -11.69 -32.30 -13.52
N LYS D 291 -10.92 -31.81 -14.48
CA LYS D 291 -11.19 -30.49 -15.04
C LYS D 291 -11.28 -30.58 -16.56
N PRO D 292 -12.45 -31.01 -17.07
CA PRO D 292 -12.67 -31.08 -18.52
C PRO D 292 -12.74 -29.70 -19.14
N VAL D 293 -12.72 -29.65 -20.47
CA VAL D 293 -12.79 -28.38 -21.19
C VAL D 293 -14.00 -28.37 -22.12
N PRO D 294 -14.89 -27.37 -21.94
CA PRO D 294 -16.08 -27.26 -22.79
C PRO D 294 -15.78 -26.56 -24.11
N HIS D 295 -16.72 -26.64 -25.05
CA HIS D 295 -16.58 -25.98 -26.33
C HIS D 295 -17.68 -24.93 -26.49
N LEU D 296 -17.28 -23.68 -26.74
CA LEU D 296 -18.23 -22.59 -26.88
C LEU D 296 -18.83 -22.56 -28.28
N ASP E 2 -17.57 -24.41 11.25
CA ASP E 2 -16.14 -24.41 11.01
C ASP E 2 -15.67 -23.11 10.37
N TYR E 3 -16.58 -22.42 9.70
CA TYR E 3 -16.26 -21.11 9.14
C TYR E 3 -16.23 -20.08 10.26
N HIS E 4 -16.98 -20.35 11.32
CA HIS E 4 -17.01 -19.46 12.49
C HIS E 4 -15.60 -19.30 13.03
N GLU E 5 -14.86 -20.40 13.06
CA GLU E 5 -13.47 -20.37 13.48
C GLU E 5 -12.63 -19.49 12.56
N ASP E 6 -12.75 -19.75 11.26
CA ASP E 6 -12.03 -18.99 10.24
C ASP E 6 -12.52 -17.57 10.09
N ILE E 7 -13.80 -17.32 10.41
CA ILE E 7 -14.29 -15.96 10.44
C ILE E 7 -13.64 -15.17 11.58
N HIS E 8 -13.63 -15.78 12.77
CA HIS E 8 -13.03 -15.15 13.93
C HIS E 8 -11.55 -14.90 13.70
N THR E 9 -10.85 -15.90 13.18
CA THR E 9 -9.42 -15.75 12.92
C THR E 9 -9.16 -14.74 11.80
N TYR E 10 -10.08 -14.66 10.84
CA TYR E 10 -9.95 -13.69 9.77
C TYR E 10 -10.19 -12.29 10.29
N LEU E 11 -11.18 -12.14 11.16
CA LEU E 11 -11.46 -10.85 11.79
C LEU E 11 -10.27 -10.39 12.63
N ARG E 12 -9.66 -11.33 13.35
CA ARG E 12 -8.46 -11.05 14.13
C ARG E 12 -7.31 -10.67 13.23
N GLU E 13 -7.30 -11.24 12.02
CA GLU E 13 -6.27 -10.93 11.03
C GLU E 13 -6.48 -9.54 10.44
N MET E 14 -7.74 -9.19 10.18
CA MET E 14 -8.07 -7.94 9.51
C MET E 14 -8.07 -6.74 10.44
N GLU E 15 -8.34 -6.96 11.72
CA GLU E 15 -8.44 -5.86 12.67
C GLU E 15 -7.07 -5.22 12.91
N VAL E 16 -6.02 -6.01 12.74
CA VAL E 16 -4.65 -5.50 12.90
C VAL E 16 -4.30 -4.59 11.72
N LYS E 17 -4.88 -4.90 10.55
CA LYS E 17 -4.59 -4.16 9.34
C LYS E 17 -5.42 -2.89 9.23
N CYS E 18 -6.54 -2.84 9.93
CA CYS E 18 -7.43 -1.67 9.88
C CYS E 18 -7.15 -0.70 11.03
N LYS E 19 -6.09 -0.97 11.78
CA LYS E 19 -5.75 -0.14 12.94
C LYS E 19 -5.19 1.22 12.53
N PRO E 20 -5.71 2.30 13.13
CA PRO E 20 -5.18 3.64 12.89
C PRO E 20 -3.94 3.91 13.73
N LYS E 21 -3.19 4.95 13.39
CA LYS E 21 -2.04 5.36 14.19
C LYS E 21 -2.52 5.82 15.56
N VAL E 22 -2.01 5.20 16.61
CA VAL E 22 -2.49 5.42 17.96
C VAL E 22 -2.31 6.86 18.44
N GLY E 23 -1.21 7.49 18.03
CA GLY E 23 -0.92 8.84 18.48
C GLY E 23 -1.09 9.91 17.42
N TYR E 24 -2.07 9.75 16.54
CA TYR E 24 -2.24 10.67 15.42
C TYR E 24 -2.68 12.07 15.89
N MET E 25 -3.35 12.13 17.03
CA MET E 25 -3.93 13.38 17.51
C MET E 25 -2.86 14.39 17.90
N LYS E 26 -1.71 13.91 18.35
CA LYS E 26 -0.58 14.78 18.62
C LYS E 26 -0.11 15.47 17.35
N LYS E 27 -0.20 14.75 16.23
CA LYS E 27 0.26 15.25 14.94
C LYS E 27 -0.83 16.03 14.20
N GLN E 28 -1.93 16.29 14.89
CA GLN E 28 -3.00 17.12 14.35
C GLN E 28 -2.92 18.51 14.93
N PRO E 29 -2.58 19.51 14.09
CA PRO E 29 -2.31 20.87 14.57
C PRO E 29 -3.53 21.60 15.14
N ASP E 30 -4.72 21.32 14.63
CA ASP E 30 -5.88 22.13 14.98
C ASP E 30 -6.96 21.40 15.78
N ILE E 31 -6.99 20.07 15.72
CA ILE E 31 -8.02 19.32 16.44
C ILE E 31 -7.46 18.52 17.61
N THR E 32 -8.30 18.31 18.62
CA THR E 32 -7.92 17.57 19.82
C THR E 32 -8.92 16.45 20.12
N ASN E 33 -8.61 15.65 21.12
CA ASN E 33 -9.47 14.53 21.51
C ASN E 33 -10.85 15.00 21.96
N SER E 34 -10.90 16.16 22.60
CA SER E 34 -12.16 16.76 23.02
C SER E 34 -13.08 17.00 21.84
N MET E 35 -12.51 17.51 20.75
CA MET E 35 -13.29 17.76 19.54
C MET E 35 -13.79 16.45 18.95
N ARG E 36 -12.96 15.42 19.02
CA ARG E 36 -13.34 14.10 18.51
C ARG E 36 -14.47 13.50 19.34
N ALA E 37 -14.40 13.68 20.66
CA ALA E 37 -15.44 13.18 21.56
C ALA E 37 -16.77 13.85 21.26
N ILE E 38 -16.74 15.15 21.00
CA ILE E 38 -17.94 15.89 20.65
C ILE E 38 -18.52 15.40 19.32
N LEU E 39 -17.63 15.08 18.38
CA LEU E 39 -18.05 14.59 17.07
C LEU E 39 -18.73 13.22 17.17
N VAL E 40 -18.08 12.28 17.85
CA VAL E 40 -18.61 10.92 17.97
C VAL E 40 -19.93 10.92 18.72
N ASP E 41 -20.02 11.72 19.78
CA ASP E 41 -21.26 11.86 20.55
C ASP E 41 -22.40 12.36 19.68
N TRP E 42 -22.07 13.27 18.78
CA TRP E 42 -23.05 13.79 17.83
C TRP E 42 -23.47 12.70 16.85
N LEU E 43 -22.51 11.88 16.41
CA LEU E 43 -22.79 10.77 15.51
C LEU E 43 -23.74 9.77 16.18
N VAL E 44 -23.62 9.64 17.49
CA VAL E 44 -24.48 8.74 18.25
C VAL E 44 -25.94 9.16 18.12
N GLU E 45 -26.24 10.43 18.38
CA GLU E 45 -27.61 10.90 18.33
C GLU E 45 -28.09 11.10 16.90
N VAL E 46 -27.16 11.15 15.95
CA VAL E 46 -27.52 11.14 14.54
C VAL E 46 -28.08 9.77 14.18
N GLY E 47 -27.37 8.73 14.59
CA GLY E 47 -27.80 7.37 14.35
C GLY E 47 -29.11 7.05 15.05
N GLU E 48 -29.36 7.73 16.16
CA GLU E 48 -30.59 7.54 16.91
C GLU E 48 -31.77 8.21 16.21
N GLU E 49 -31.51 9.37 15.63
CA GLU E 49 -32.53 10.12 14.91
C GLU E 49 -32.96 9.41 13.63
N TYR E 50 -32.02 8.74 12.99
CA TYR E 50 -32.30 8.09 11.71
C TYR E 50 -32.43 6.58 11.83
N LYS E 51 -32.49 6.10 13.07
CA LYS E 51 -32.68 4.68 13.36
C LYS E 51 -31.68 3.81 12.61
N LEU E 52 -30.40 4.18 12.71
CA LEU E 52 -29.33 3.42 12.07
C LEU E 52 -28.79 2.36 13.01
N GLN E 53 -28.20 1.31 12.46
CA GLN E 53 -27.61 0.25 13.26
C GLN E 53 -26.45 0.76 14.10
N ASN E 54 -26.09 0.02 15.13
CA ASN E 54 -24.94 0.36 15.95
C ASN E 54 -23.64 0.08 15.19
N GLU E 55 -23.68 -0.94 14.33
CA GLU E 55 -22.53 -1.28 13.50
C GLU E 55 -22.14 -0.12 12.59
N THR E 56 -23.14 0.58 12.09
CA THR E 56 -22.91 1.75 11.25
C THR E 56 -22.12 2.81 12.00
N LEU E 57 -22.51 3.06 13.25
CA LEU E 57 -21.80 4.00 14.11
C LEU E 57 -20.35 3.57 14.33
N HIS E 58 -20.15 2.30 14.64
CA HIS E 58 -18.82 1.76 14.91
C HIS E 58 -17.92 1.87 13.67
N LEU E 59 -18.49 1.57 12.51
CA LEU E 59 -17.75 1.67 11.25
C LEU E 59 -17.36 3.11 10.95
N ALA E 60 -18.28 4.04 11.20
CA ALA E 60 -18.03 5.45 10.94
C ALA E 60 -16.88 5.99 11.79
N VAL E 61 -16.81 5.54 13.04
CA VAL E 61 -15.73 5.96 13.93
C VAL E 61 -14.41 5.37 13.46
N ASN E 62 -14.46 4.15 12.93
CA ASN E 62 -13.27 3.50 12.38
C ASN E 62 -12.70 4.28 11.21
N TYR E 63 -13.58 4.74 10.32
CA TYR E 63 -13.16 5.47 9.12
C TYR E 63 -12.52 6.79 9.50
N ILE E 64 -13.14 7.49 10.45
CA ILE E 64 -12.67 8.80 10.90
C ILE E 64 -11.28 8.72 11.50
N ASP E 65 -11.04 7.72 12.34
CA ASP E 65 -9.75 7.55 12.99
C ASP E 65 -8.64 7.21 12.00
N ARG E 66 -8.99 6.47 10.96
CA ARG E 66 -8.03 6.12 9.92
C ARG E 66 -7.76 7.30 9.00
N PHE E 67 -8.81 8.07 8.72
CA PHE E 67 -8.68 9.25 7.87
C PHE E 67 -7.81 10.31 8.53
N LEU E 68 -8.05 10.54 9.82
CA LEU E 68 -7.30 11.54 10.57
C LEU E 68 -5.87 11.09 10.85
N SER E 69 -5.60 9.81 10.63
CA SER E 69 -4.26 9.26 10.82
C SER E 69 -3.30 9.71 9.72
N SER E 70 -3.85 10.13 8.57
CA SER E 70 -3.04 10.44 7.41
C SER E 70 -3.27 11.87 6.90
N MET E 71 -4.35 12.49 7.35
CA MET E 71 -4.77 13.78 6.82
C MET E 71 -5.00 14.80 7.92
N SER E 72 -4.34 15.95 7.81
CA SER E 72 -4.59 17.06 8.73
C SER E 72 -5.91 17.73 8.40
N VAL E 73 -6.74 17.93 9.42
CA VAL E 73 -8.04 18.54 9.24
C VAL E 73 -8.23 19.71 10.20
N LEU E 74 -8.67 20.85 9.69
CA LEU E 74 -9.02 21.99 10.53
C LEU E 74 -10.31 21.70 11.27
N ARG E 75 -10.47 22.29 12.45
CA ARG E 75 -11.63 22.01 13.29
C ARG E 75 -12.95 22.35 12.59
N GLY E 76 -12.89 23.26 11.64
CA GLY E 76 -14.07 23.65 10.90
C GLY E 76 -14.51 22.61 9.88
N LYS E 77 -13.64 21.65 9.60
CA LYS E 77 -13.94 20.62 8.60
C LYS E 77 -14.10 19.23 9.22
N LEU E 78 -13.94 19.15 10.54
CA LEU E 78 -14.03 17.87 11.23
C LEU E 78 -15.41 17.23 11.09
N GLN E 79 -16.45 18.05 11.14
CA GLN E 79 -17.82 17.55 11.02
C GLN E 79 -18.09 17.05 9.60
N LEU E 80 -17.44 17.67 8.62
CA LEU E 80 -17.57 17.24 7.23
C LEU E 80 -16.98 15.84 7.05
N VAL E 81 -15.83 15.61 7.67
CA VAL E 81 -15.21 14.30 7.68
C VAL E 81 -16.14 13.28 8.34
N GLY E 82 -16.75 13.70 9.45
CA GLY E 82 -17.68 12.85 10.17
C GLY E 82 -18.93 12.51 9.39
N THR E 83 -19.49 13.51 8.71
CA THR E 83 -20.72 13.32 7.94
C THR E 83 -20.52 12.34 6.79
N ALA E 84 -19.45 12.52 6.04
CA ALA E 84 -19.14 11.63 4.93
C ALA E 84 -18.85 10.21 5.42
N ALA E 85 -18.24 10.11 6.60
CA ALA E 85 -17.93 8.82 7.19
C ALA E 85 -19.20 8.06 7.56
N MET E 86 -20.12 8.76 8.19
CA MET E 86 -21.42 8.20 8.56
C MET E 86 -22.17 7.75 7.32
N LEU E 87 -22.14 8.61 6.30
CA LEU E 87 -22.80 8.32 5.02
C LEU E 87 -22.23 7.07 4.37
N LEU E 88 -20.91 6.90 4.44
CA LEU E 88 -20.25 5.75 3.84
C LEU E 88 -20.52 4.46 4.61
N ALA E 89 -20.48 4.55 5.94
CA ALA E 89 -20.83 3.43 6.79
C ALA E 89 -22.28 3.01 6.56
N SER E 90 -23.15 3.99 6.34
CA SER E 90 -24.57 3.73 6.09
C SER E 90 -24.76 3.00 4.77
N LYS E 91 -24.01 3.41 3.76
CA LYS E 91 -24.10 2.79 2.44
C LYS E 91 -23.60 1.35 2.47
N PHE E 92 -22.66 1.08 3.38
CA PHE E 92 -22.09 -0.25 3.49
C PHE E 92 -22.97 -1.19 4.32
N GLU E 93 -23.48 -0.69 5.43
CA GLU E 93 -24.12 -1.55 6.43
C GLU E 93 -25.65 -1.61 6.32
N GLU E 94 -26.30 -0.46 6.17
CA GLU E 94 -27.76 -0.40 6.19
C GLU E 94 -28.38 -1.11 4.99
N ILE E 95 -29.57 -1.66 5.19
CA ILE E 95 -30.30 -2.32 4.12
C ILE E 95 -30.71 -1.29 3.07
N TYR E 96 -31.25 -0.18 3.54
CA TYR E 96 -31.47 1.00 2.71
C TYR E 96 -30.91 2.22 3.41
N PRO E 97 -29.77 2.71 2.93
CA PRO E 97 -29.15 3.87 3.56
C PRO E 97 -29.91 5.16 3.25
N PRO E 98 -29.82 6.16 4.13
CA PRO E 98 -30.45 7.46 3.88
C PRO E 98 -29.84 8.13 2.66
N GLU E 99 -30.57 9.07 2.06
CA GLU E 99 -30.04 9.83 0.94
C GLU E 99 -29.06 10.88 1.45
N VAL E 100 -28.23 11.39 0.54
CA VAL E 100 -27.19 12.34 0.90
C VAL E 100 -27.78 13.64 1.47
N ALA E 101 -28.92 14.06 0.92
CA ALA E 101 -29.57 15.28 1.35
C ALA E 101 -29.97 15.21 2.82
N GLU E 102 -30.31 14.01 3.27
CA GLU E 102 -30.70 13.80 4.66
C GLU E 102 -29.52 14.01 5.61
N PHE E 103 -28.34 13.62 5.16
CA PHE E 103 -27.14 13.84 5.96
C PHE E 103 -26.76 15.32 5.96
N VAL E 104 -27.06 16.01 4.87
CA VAL E 104 -26.81 17.45 4.78
C VAL E 104 -27.79 18.21 5.69
N TYR E 105 -29.01 17.70 5.80
CA TYR E 105 -30.01 18.27 6.70
C TYR E 105 -29.50 18.30 8.15
N ILE E 106 -28.86 17.20 8.54
CA ILE E 106 -28.37 17.03 9.91
C ILE E 106 -27.20 17.97 10.21
N THR E 107 -26.46 18.36 9.18
CA THR E 107 -25.38 19.32 9.34
C THR E 107 -25.88 20.71 9.72
N ASP E 108 -27.20 20.90 9.72
CA ASP E 108 -27.82 22.20 9.90
C ASP E 108 -27.36 23.17 8.82
N ASP E 109 -27.27 22.64 7.59
CA ASP E 109 -26.82 23.40 6.43
C ASP E 109 -25.43 24.00 6.63
N THR E 110 -24.58 23.30 7.37
CA THR E 110 -23.19 23.73 7.55
C THR E 110 -22.41 23.48 6.26
N TYR E 111 -22.56 22.28 5.73
CA TYR E 111 -21.92 21.92 4.46
C TYR E 111 -22.98 21.65 3.40
N THR E 112 -22.55 21.56 2.15
CA THR E 112 -23.47 21.34 1.05
C THR E 112 -23.42 19.91 0.54
N LYS E 113 -24.41 19.53 -0.25
CA LYS E 113 -24.45 18.19 -0.84
C LYS E 113 -23.23 17.93 -1.71
N LYS E 114 -22.72 18.98 -2.35
CA LYS E 114 -21.55 18.83 -3.19
C LYS E 114 -20.32 18.58 -2.31
N GLN E 115 -20.15 19.41 -1.28
CA GLN E 115 -19.06 19.23 -0.33
C GLN E 115 -19.03 17.84 0.30
N VAL E 116 -20.20 17.36 0.71
CA VAL E 116 -20.30 16.06 1.37
C VAL E 116 -19.92 14.93 0.43
N LEU E 117 -20.37 15.01 -0.82
CA LEU E 117 -20.10 13.97 -1.79
C LEU E 117 -18.64 13.95 -2.24
N ARG E 118 -17.98 15.10 -2.18
CA ARG E 118 -16.55 15.16 -2.50
C ARG E 118 -15.70 14.67 -1.35
N MET E 119 -16.15 14.94 -0.12
CA MET E 119 -15.47 14.41 1.04
C MET E 119 -15.59 12.88 1.04
N GLU E 120 -16.72 12.38 0.53
CA GLU E 120 -16.91 10.95 0.33
C GLU E 120 -15.84 10.41 -0.61
N HIS E 121 -15.61 11.15 -1.70
CA HIS E 121 -14.62 10.79 -2.68
C HIS E 121 -13.23 10.72 -2.05
N LEU E 122 -12.93 11.69 -1.19
CA LEU E 122 -11.61 11.76 -0.56
C LEU E 122 -11.41 10.67 0.47
N VAL E 123 -12.45 10.39 1.26
CA VAL E 123 -12.37 9.34 2.28
C VAL E 123 -12.17 7.97 1.62
N LEU E 124 -12.90 7.72 0.54
CA LEU E 124 -12.75 6.48 -0.22
C LEU E 124 -11.34 6.33 -0.76
N LYS E 125 -10.77 7.42 -1.25
CA LYS E 125 -9.41 7.40 -1.80
C LYS E 125 -8.37 7.12 -0.72
N VAL E 126 -8.49 7.84 0.40
CA VAL E 126 -7.55 7.70 1.51
C VAL E 126 -7.62 6.30 2.12
N LEU E 127 -8.84 5.77 2.23
CA LEU E 127 -9.03 4.43 2.78
C LEU E 127 -8.86 3.35 1.73
N THR E 128 -8.68 3.76 0.48
CA THR E 128 -8.56 2.84 -0.66
C THR E 128 -9.68 1.81 -0.69
N PHE E 129 -10.90 2.27 -0.47
CA PHE E 129 -12.11 1.43 -0.50
C PHE E 129 -12.04 0.23 0.44
N ASP E 130 -11.32 0.38 1.55
CA ASP E 130 -11.25 -0.66 2.57
C ASP E 130 -12.21 -0.36 3.71
N LEU E 131 -13.50 -0.60 3.47
CA LEU E 131 -14.54 -0.19 4.40
C LEU E 131 -15.07 -1.31 5.27
N ALA E 132 -14.74 -2.56 4.92
CA ALA E 132 -15.24 -3.71 5.67
C ALA E 132 -14.37 -3.99 6.89
N ALA E 133 -14.25 -3.00 7.76
CA ALA E 133 -13.41 -3.11 8.95
C ALA E 133 -14.12 -3.85 10.09
N PRO E 134 -13.35 -4.65 10.86
CA PRO E 134 -13.88 -5.28 12.07
C PRO E 134 -14.17 -4.26 13.16
N THR E 135 -15.27 -4.44 13.87
CA THR E 135 -15.63 -3.55 14.97
C THR E 135 -15.77 -4.34 16.27
N VAL E 136 -15.83 -3.64 17.39
CA VAL E 136 -16.05 -4.30 18.67
C VAL E 136 -17.47 -4.87 18.68
N ASN E 137 -18.31 -4.31 17.83
CA ASN E 137 -19.69 -4.76 17.68
C ASN E 137 -19.74 -6.14 17.02
N GLN E 138 -18.86 -6.35 16.06
CA GLN E 138 -18.77 -7.63 15.37
C GLN E 138 -18.23 -8.72 16.30
N PHE E 139 -17.19 -8.40 17.05
CA PHE E 139 -16.58 -9.36 17.97
C PHE E 139 -17.51 -9.69 19.13
N LEU E 140 -18.33 -8.72 19.53
CA LEU E 140 -19.29 -8.94 20.61
C LEU E 140 -20.34 -9.97 20.21
N THR E 141 -20.82 -9.86 18.97
CA THR E 141 -21.83 -10.78 18.46
C THR E 141 -21.27 -12.19 18.30
N GLN E 142 -19.96 -12.28 18.11
CA GLN E 142 -19.28 -13.57 18.05
C GLN E 142 -19.17 -14.17 19.46
N TYR E 143 -18.93 -13.30 20.43
CA TYR E 143 -18.78 -13.73 21.82
C TYR E 143 -20.09 -14.21 22.42
N PHE E 144 -21.19 -13.56 22.02
CA PHE E 144 -22.50 -13.82 22.61
C PHE E 144 -23.01 -15.22 22.32
N LEU E 145 -22.41 -15.89 21.34
CA LEU E 145 -22.76 -17.27 21.03
C LEU E 145 -22.28 -18.20 22.13
N HIS E 146 -21.41 -17.68 23.00
CA HIS E 146 -20.86 -18.46 24.10
C HIS E 146 -21.46 -18.09 25.44
N GLN E 147 -22.63 -17.45 25.41
CA GLN E 147 -23.39 -17.22 26.63
C GLN E 147 -23.91 -18.55 27.16
N GLN E 148 -23.51 -18.93 28.37
CA GLN E 148 -23.99 -20.17 28.96
C GLN E 148 -25.50 -20.06 29.14
N PRO E 149 -25.98 -18.98 29.77
CA PRO E 149 -27.37 -18.65 29.46
C PRO E 149 -27.46 -17.30 28.73
N ALA E 150 -28.18 -17.27 27.61
CA ALA E 150 -28.37 -16.04 26.87
C ALA E 150 -29.09 -15.00 27.74
N ASN E 151 -28.45 -13.86 27.95
CA ASN E 151 -29.02 -12.81 28.77
C ASN E 151 -29.11 -11.51 27.99
N CYS E 152 -30.34 -11.00 27.84
CA CYS E 152 -30.58 -9.79 27.06
C CYS E 152 -29.98 -8.54 27.72
N LYS E 153 -29.89 -8.57 29.05
CA LYS E 153 -29.36 -7.42 29.78
C LYS E 153 -27.83 -7.41 29.78
N VAL E 154 -27.23 -8.60 29.75
CA VAL E 154 -25.78 -8.70 29.61
C VAL E 154 -25.35 -8.18 28.25
N GLU E 155 -26.04 -8.63 27.21
CA GLU E 155 -25.75 -8.20 25.85
C GLU E 155 -25.91 -6.69 25.70
N SER E 156 -27.01 -6.14 26.20
CA SER E 156 -27.27 -4.70 26.10
C SER E 156 -26.21 -3.88 26.83
N LEU E 157 -25.85 -4.31 28.04
CA LEU E 157 -24.84 -3.60 28.83
C LEU E 157 -23.47 -3.71 28.17
N ALA E 158 -23.19 -4.86 27.57
CA ALA E 158 -21.94 -5.06 26.84
C ALA E 158 -21.85 -4.09 25.66
N MET E 159 -22.96 -3.95 24.95
CA MET E 159 -23.04 -3.01 23.83
C MET E 159 -22.86 -1.58 24.33
N PHE E 160 -23.45 -1.28 25.48
CA PHE E 160 -23.34 0.05 26.08
C PHE E 160 -21.90 0.41 26.38
N LEU E 161 -21.17 -0.51 27.00
CA LEU E 161 -19.78 -0.29 27.34
C LEU E 161 -18.92 -0.11 26.09
N GLY E 162 -19.21 -0.90 25.06
CA GLY E 162 -18.48 -0.84 23.81
C GLY E 162 -18.60 0.52 23.13
N GLU E 163 -19.80 1.08 23.14
CA GLU E 163 -20.04 2.37 22.51
C GLU E 163 -19.33 3.51 23.26
N LEU E 164 -19.27 3.39 24.58
CA LEU E 164 -18.62 4.41 25.41
C LEU E 164 -17.14 4.53 25.05
N SER E 165 -16.55 3.45 24.58
CA SER E 165 -15.12 3.43 24.26
C SER E 165 -14.81 4.21 22.99
N LEU E 166 -15.82 4.39 22.15
CA LEU E 166 -15.64 5.12 20.89
C LEU E 166 -15.48 6.61 21.12
N ILE E 167 -15.95 7.08 22.27
CA ILE E 167 -15.91 8.51 22.59
C ILE E 167 -14.49 8.99 22.90
N ASP E 168 -13.80 8.26 23.76
CA ASP E 168 -12.49 8.68 24.24
C ASP E 168 -11.35 8.01 23.46
N ALA E 169 -10.76 8.77 22.55
CA ALA E 169 -9.63 8.28 21.74
C ALA E 169 -8.50 7.82 22.65
N ASP E 170 -8.31 8.53 23.76
CA ASP E 170 -7.45 8.08 24.84
C ASP E 170 -8.34 7.50 25.92
N PRO E 171 -8.08 6.24 26.34
CA PRO E 171 -6.96 5.39 25.94
C PRO E 171 -7.30 4.32 24.88
N TYR E 172 -8.53 4.28 24.40
CA TYR E 172 -9.03 3.12 23.67
C TYR E 172 -8.46 2.91 22.27
N LEU E 173 -7.69 3.87 21.77
CA LEU E 173 -7.01 3.68 20.48
C LEU E 173 -5.85 2.69 20.64
N LYS E 174 -5.47 2.43 21.89
CA LYS E 174 -4.35 1.53 22.19
C LYS E 174 -4.76 0.06 22.13
N TYR E 175 -6.08 -0.19 22.16
CA TYR E 175 -6.59 -1.56 22.18
C TYR E 175 -7.28 -1.93 20.87
N LEU E 176 -7.04 -3.15 20.41
CA LEU E 176 -7.75 -3.69 19.26
C LEU E 176 -9.23 -3.85 19.57
N PRO E 177 -10.08 -3.91 18.53
CA PRO E 177 -11.51 -4.14 18.76
C PRO E 177 -11.80 -5.47 19.48
N SER E 178 -10.93 -6.46 19.29
CA SER E 178 -11.14 -7.77 19.89
C SER E 178 -10.97 -7.77 21.41
N VAL E 179 -10.00 -7.02 21.90
CA VAL E 179 -9.74 -6.96 23.34
C VAL E 179 -10.72 -6.03 24.04
N ILE E 180 -11.13 -4.96 23.35
CA ILE E 180 -12.15 -4.06 23.89
C ILE E 180 -13.46 -4.81 24.09
N ALA E 181 -13.83 -5.63 23.11
CA ALA E 181 -15.02 -6.45 23.20
C ALA E 181 -14.91 -7.45 24.36
N GLY E 182 -13.70 -7.96 24.56
CA GLY E 182 -13.45 -8.89 25.65
C GLY E 182 -13.66 -8.25 27.01
N ALA E 183 -13.12 -7.05 27.19
CA ALA E 183 -13.30 -6.30 28.42
C ALA E 183 -14.77 -5.92 28.61
N ALA E 184 -15.45 -5.62 27.50
CA ALA E 184 -16.84 -5.22 27.54
C ALA E 184 -17.74 -6.39 27.95
N PHE E 185 -17.46 -7.56 27.38
CA PHE E 185 -18.28 -8.74 27.66
C PHE E 185 -18.12 -9.18 29.11
N HIS E 186 -16.89 -9.24 29.60
CA HIS E 186 -16.63 -9.66 30.97
C HIS E 186 -17.26 -8.71 31.99
N LEU E 187 -17.03 -7.42 31.80
CA LEU E 187 -17.52 -6.41 32.74
C LEU E 187 -19.04 -6.41 32.85
N ALA E 188 -19.70 -6.43 31.69
CA ALA E 188 -21.16 -6.45 31.66
C ALA E 188 -21.68 -7.73 32.31
N LEU E 189 -21.03 -8.85 32.00
CA LEU E 189 -21.43 -10.14 32.54
C LEU E 189 -21.20 -10.20 34.05
N TYR E 190 -20.10 -9.59 34.50
CA TYR E 190 -19.77 -9.56 35.92
C TYR E 190 -20.69 -8.61 36.67
N THR E 191 -21.18 -7.58 35.98
CA THR E 191 -22.03 -6.58 36.61
C THR E 191 -23.44 -7.11 36.86
N VAL E 192 -24.00 -7.80 35.87
CA VAL E 192 -25.38 -8.28 35.95
C VAL E 192 -25.52 -9.63 36.65
N THR E 193 -24.66 -10.58 36.29
CA THR E 193 -24.79 -11.95 36.81
C THR E 193 -23.66 -12.37 37.75
N GLY E 194 -22.54 -11.65 37.71
CA GLY E 194 -21.47 -11.90 38.66
C GLY E 194 -20.47 -12.98 38.27
N GLN E 195 -20.70 -13.64 37.13
CA GLN E 195 -19.74 -14.61 36.63
C GLN E 195 -18.61 -13.87 35.92
N SER E 196 -17.63 -14.62 35.41
CA SER E 196 -16.47 -13.99 34.78
C SER E 196 -16.27 -14.47 33.34
N TRP E 197 -15.26 -13.89 32.70
CA TRP E 197 -14.82 -14.27 31.35
C TRP E 197 -14.77 -15.78 31.19
N PRO E 198 -15.71 -16.34 30.42
CA PRO E 198 -15.92 -17.80 30.30
C PRO E 198 -14.69 -18.53 29.77
N GLU E 199 -14.54 -19.79 30.16
CA GLU E 199 -13.39 -20.59 29.75
C GLU E 199 -13.39 -20.87 28.25
N SER E 200 -14.59 -21.05 27.68
CA SER E 200 -14.72 -21.35 26.27
C SER E 200 -14.19 -20.21 25.40
N LEU E 201 -14.43 -18.98 25.84
CA LEU E 201 -13.96 -17.81 25.11
C LEU E 201 -12.44 -17.63 25.26
N ILE E 202 -11.90 -18.16 26.35
CA ILE E 202 -10.45 -18.16 26.53
C ILE E 202 -9.83 -19.10 25.50
N ARG E 203 -10.47 -20.24 25.28
CA ARG E 203 -10.01 -21.20 24.29
C ARG E 203 -10.20 -20.67 22.88
N LYS E 204 -11.23 -19.85 22.69
CA LYS E 204 -11.55 -19.30 21.38
C LYS E 204 -10.61 -18.17 20.99
N THR E 205 -10.47 -17.20 21.88
CA THR E 205 -9.73 -15.98 21.57
C THR E 205 -8.29 -15.99 22.05
N GLY E 206 -7.97 -16.92 22.96
CA GLY E 206 -6.64 -16.99 23.54
C GLY E 206 -6.44 -15.92 24.61
N TYR E 207 -7.43 -15.06 24.77
CA TYR E 207 -7.39 -14.00 25.77
C TYR E 207 -7.71 -14.54 27.16
N THR E 208 -6.72 -14.51 28.03
CA THR E 208 -6.97 -14.81 29.44
C THR E 208 -7.55 -13.56 30.09
N LEU E 209 -8.13 -13.72 31.28
CA LEU E 209 -8.65 -12.57 32.02
C LEU E 209 -7.50 -11.66 32.43
N GLU E 210 -6.32 -12.24 32.58
CA GLU E 210 -5.11 -11.49 32.92
C GLU E 210 -4.69 -10.58 31.77
N SER E 211 -4.82 -11.07 30.55
CA SER E 211 -4.44 -10.29 29.37
C SER E 211 -5.42 -9.14 29.13
N LEU E 212 -6.65 -9.31 29.60
CA LEU E 212 -7.69 -8.30 29.42
C LEU E 212 -7.63 -7.25 30.53
N LYS E 213 -6.82 -7.49 31.56
CA LYS E 213 -6.78 -6.65 32.74
C LYS E 213 -6.52 -5.16 32.46
N PRO E 214 -5.49 -4.81 31.65
CA PRO E 214 -5.30 -3.38 31.34
C PRO E 214 -6.52 -2.69 30.73
N CYS E 215 -7.07 -3.26 29.67
CA CYS E 215 -8.24 -2.67 29.01
C CYS E 215 -9.47 -2.71 29.93
N LEU E 216 -9.53 -3.74 30.77
CA LEU E 216 -10.64 -3.89 31.69
C LEU E 216 -10.63 -2.81 32.77
N MET E 217 -9.43 -2.40 33.18
CA MET E 217 -9.29 -1.35 34.17
C MET E 217 -9.67 0.01 33.59
N ASP E 218 -9.22 0.27 32.37
CA ASP E 218 -9.58 1.50 31.67
C ASP E 218 -11.08 1.57 31.44
N LEU E 219 -11.68 0.41 31.14
CA LEU E 219 -13.10 0.35 30.84
C LEU E 219 -13.94 0.51 32.09
N HIS E 220 -13.47 -0.07 33.19
CA HIS E 220 -14.15 0.05 34.47
C HIS E 220 -14.17 1.50 34.94
N GLN E 221 -13.09 2.22 34.67
CA GLN E 221 -12.98 3.62 35.05
C GLN E 221 -13.96 4.49 34.27
N THR E 222 -14.08 4.21 32.97
CA THR E 222 -15.02 4.91 32.11
C THR E 222 -16.46 4.65 32.56
N TYR E 223 -16.72 3.41 32.97
CA TYR E 223 -18.04 3.03 33.45
C TYR E 223 -18.39 3.80 34.72
N LEU E 224 -17.47 3.85 35.66
CA LEU E 224 -17.68 4.59 36.91
C LEU E 224 -17.92 6.08 36.67
N LYS E 225 -17.16 6.66 35.77
CA LYS E 225 -17.19 8.10 35.54
C LYS E 225 -18.23 8.53 34.52
N ALA E 226 -18.95 7.57 33.94
CA ALA E 226 -19.89 7.83 32.85
C ALA E 226 -20.90 8.96 33.13
N PRO E 227 -21.46 9.04 34.35
CA PRO E 227 -22.37 10.16 34.58
C PRO E 227 -21.69 11.54 34.57
N GLN E 228 -20.38 11.58 34.79
CA GLN E 228 -19.66 12.85 34.86
C GLN E 228 -18.97 13.21 33.56
N HIS E 229 -19.26 12.46 32.51
CA HIS E 229 -18.68 12.77 31.21
C HIS E 229 -19.43 13.93 30.56
N ALA E 230 -18.69 14.80 29.88
CA ALA E 230 -19.29 15.97 29.20
C ALA E 230 -20.23 15.52 28.09
N GLN E 231 -19.98 14.34 27.54
CA GLN E 231 -20.82 13.78 26.50
C GLN E 231 -21.72 12.70 27.08
N GLN E 232 -23.02 12.78 26.81
CA GLN E 232 -24.00 11.93 27.47
C GLN E 232 -25.02 11.28 26.52
N SER E 233 -24.80 11.39 25.22
CA SER E 233 -25.75 10.87 24.24
C SER E 233 -25.94 9.36 24.33
N ILE E 234 -24.85 8.66 24.64
CA ILE E 234 -24.89 7.20 24.72
C ILE E 234 -25.68 6.74 25.96
N ARG E 235 -25.46 7.40 27.10
CA ARG E 235 -26.20 7.10 28.32
C ARG E 235 -27.70 7.31 28.12
N GLU E 236 -28.05 8.42 27.47
CA GLU E 236 -29.44 8.73 27.18
C GLU E 236 -30.05 7.70 26.24
N LYS E 237 -29.25 7.27 25.26
CA LYS E 237 -29.68 6.27 24.30
C LYS E 237 -30.02 4.93 24.97
N TYR E 238 -29.18 4.52 25.91
CA TYR E 238 -29.35 3.23 26.55
C TYR E 238 -30.23 3.29 27.80
N LYS E 239 -30.97 4.39 27.95
CA LYS E 239 -32.03 4.45 28.93
C LYS E 239 -33.30 3.86 28.34
N ASN E 240 -33.31 3.76 27.02
CA ASN E 240 -34.46 3.25 26.28
C ASN E 240 -34.80 1.81 26.68
N SER E 241 -36.07 1.46 26.60
CA SER E 241 -36.51 0.11 26.91
C SER E 241 -35.98 -0.90 25.91
N LYS E 242 -35.57 -0.39 24.74
CA LYS E 242 -34.93 -1.21 23.72
C LYS E 242 -33.68 -1.89 24.28
N TYR E 243 -32.97 -1.19 25.16
CA TYR E 243 -31.76 -1.72 25.77
C TYR E 243 -31.96 -2.02 27.25
N HIS E 244 -33.20 -2.22 27.64
CA HIS E 244 -33.56 -2.60 29.02
C HIS E 244 -33.09 -1.58 30.06
N GLY E 245 -32.79 -0.36 29.62
CA GLY E 245 -32.35 0.69 30.50
C GLY E 245 -31.09 0.36 31.28
N VAL E 246 -30.18 -0.38 30.63
CA VAL E 246 -28.96 -0.83 31.28
C VAL E 246 -28.05 0.33 31.68
N SER E 247 -28.25 1.48 31.05
CA SER E 247 -27.47 2.68 31.37
C SER E 247 -27.66 3.12 32.81
N LEU E 248 -28.80 2.77 33.39
CA LEU E 248 -29.14 3.18 34.75
C LEU E 248 -28.63 2.20 35.80
N LEU E 249 -27.95 1.16 35.35
CA LEU E 249 -27.36 0.18 36.27
C LEU E 249 -26.15 0.76 37.00
N ASN E 250 -26.00 0.42 38.27
CA ASN E 250 -24.82 0.82 39.02
C ASN E 250 -23.65 -0.10 38.70
N PRO E 251 -22.51 0.48 38.32
CA PRO E 251 -21.30 -0.32 38.05
C PRO E 251 -20.78 -0.95 39.34
N PRO E 252 -20.11 -2.10 39.23
CA PRO E 252 -19.51 -2.71 40.43
C PRO E 252 -18.40 -1.83 40.98
N GLU E 253 -18.29 -1.78 42.31
CA GLU E 253 -17.31 -0.91 42.95
C GLU E 253 -15.90 -1.46 42.77
N THR E 254 -15.78 -2.78 42.70
CA THR E 254 -14.51 -3.43 42.41
C THR E 254 -14.73 -4.59 41.45
N LEU E 255 -13.64 -5.09 40.86
CA LEU E 255 -13.73 -6.20 39.92
C LEU E 255 -13.18 -7.49 40.52
N ASN E 256 -12.59 -7.38 41.70
CA ASN E 256 -11.92 -8.50 42.36
C ASN E 256 -10.88 -9.14 41.45
N LEU E 257 -9.89 -8.35 41.05
CA LEU E 257 -8.83 -8.81 40.16
C LEU E 257 -7.50 -8.90 40.89
N ARG F 4 -24.59 22.59 13.11
CA ARG F 4 -23.15 22.81 13.19
C ARG F 4 -22.61 22.51 14.59
N LEU F 5 -21.54 21.74 14.64
CA LEU F 5 -20.86 21.47 15.91
C LEU F 5 -20.03 22.65 16.35
N GLU F 6 -20.38 23.22 17.50
CA GLU F 6 -19.52 24.19 18.16
C GLU F 6 -18.64 23.43 19.14
N LEU F 7 -17.39 23.20 18.76
CA LEU F 7 -16.49 22.40 19.57
C LEU F 7 -15.69 23.28 20.52
#